data_5OAY
#
_entry.id   5OAY
#
loop_
_entity.id
_entity.type
_entity.pdbx_description
1 polymer 'Transcriptional regulator WhiB1'
2 non-polymer 'IRON/SULFUR CLUSTER'
#
_entity_poly.entity_id   1
_entity_poly.type   'polypeptide(L)'
_entity_poly.pdbx_seq_one_letter_code
;AGENLYFQGAMDWRHKAVCRDEDPELFFPVGNSGPALAQIADAKLVCNRCPVTTECLSWALNTGQDSGVWGGMSEDERRA
LKRRNARTKARTGV
;
_entity_poly.pdbx_strand_id   A
#
loop_
_chem_comp.id
_chem_comp.type
_chem_comp.name
_chem_comp.formula
SF4 non-polymer 'IRON/SULFUR CLUSTER' 'Fe4 S4'
#
# COMPACT_ATOMS: atom_id res chain seq x y z
N MET A 11 12.83 9.02 -12.12
CA MET A 11 11.40 8.89 -11.73
C MET A 11 11.05 7.45 -11.41
N ASP A 12 11.52 6.52 -12.24
CA ASP A 12 11.25 5.10 -12.04
C ASP A 12 11.75 4.64 -10.67
N TRP A 13 12.99 5.00 -10.34
CA TRP A 13 13.56 4.61 -9.05
C TRP A 13 12.85 5.32 -7.92
N ARG A 14 12.33 6.51 -8.20
CA ARG A 14 11.61 7.28 -7.19
C ARG A 14 10.26 6.63 -6.89
N HIS A 15 9.59 6.15 -7.93
CA HIS A 15 8.30 5.50 -7.78
C HIS A 15 8.45 4.22 -6.95
N LYS A 16 9.58 3.55 -7.13
CA LYS A 16 9.82 2.33 -6.39
C LYS A 16 10.59 2.68 -5.12
N ALA A 17 10.93 3.96 -5.02
CA ALA A 17 11.61 4.49 -3.85
C ALA A 17 10.60 4.47 -2.73
N VAL A 18 9.39 4.94 -3.06
CA VAL A 18 8.32 4.96 -2.10
C VAL A 18 7.78 3.54 -1.97
N CYS A 19 8.05 2.70 -3.00
CA CYS A 19 7.64 1.29 -2.94
C CYS A 19 8.14 0.68 -1.64
N ARG A 20 9.46 0.49 -1.57
CA ARG A 20 10.10 -0.09 -0.38
C ARG A 20 10.08 0.86 0.82
N ASP A 21 9.94 2.16 0.56
CA ASP A 21 9.96 3.17 1.63
C ASP A 21 8.59 3.35 2.28
N GLU A 22 7.64 2.46 1.99
CA GLU A 22 6.32 2.56 2.57
C GLU A 22 6.32 1.96 3.98
N ASP A 23 5.26 1.26 4.36
CA ASP A 23 5.18 0.68 5.69
C ASP A 23 5.24 -0.85 5.61
N PRO A 24 6.21 -1.48 6.31
CA PRO A 24 6.34 -2.93 6.32
C PRO A 24 5.01 -3.58 6.69
N GLU A 25 4.19 -2.82 7.41
CA GLU A 25 2.87 -3.29 7.83
C GLU A 25 1.96 -3.45 6.62
N LEU A 26 2.29 -2.79 5.50
CA LEU A 26 1.49 -2.89 4.28
C LEU A 26 1.81 -4.19 3.56
N PHE A 27 3.02 -4.71 3.80
CA PHE A 27 3.43 -5.97 3.21
C PHE A 27 3.25 -7.12 4.21
N PHE A 28 2.95 -6.77 5.46
CA PHE A 28 2.74 -7.77 6.50
C PHE A 28 1.46 -7.48 7.28
N PRO A 29 0.56 -8.47 7.40
CA PRO A 29 -0.71 -8.30 8.12
C PRO A 29 -0.49 -7.92 9.57
N VAL A 30 -1.24 -6.93 10.05
CA VAL A 30 -1.14 -6.48 11.43
C VAL A 30 -1.54 -7.58 12.40
N GLY A 31 -1.00 -7.52 13.61
CA GLY A 31 -1.32 -8.50 14.61
C GLY A 31 -2.47 -8.06 15.51
N ASN A 32 -2.14 -7.56 16.69
CA ASN A 32 -3.16 -7.10 17.63
C ASN A 32 -2.94 -5.64 18.04
N SER A 33 -2.15 -4.89 17.27
CA SER A 33 -1.87 -3.51 17.61
C SER A 33 -2.73 -2.54 16.83
N GLY A 34 -2.91 -1.36 17.40
CA GLY A 34 -3.67 -0.31 16.74
C GLY A 34 -2.77 0.59 15.92
N PRO A 35 -1.61 0.98 16.47
CA PRO A 35 -0.63 1.80 15.77
C PRO A 35 -0.33 1.24 14.40
N ALA A 36 -0.49 -0.07 14.25
CA ALA A 36 -0.20 -0.70 12.97
C ALA A 36 -1.09 -0.12 11.88
N LEU A 37 -2.31 0.22 12.27
CA LEU A 37 -3.26 0.81 11.34
C LEU A 37 -2.82 2.21 10.96
N ALA A 38 -2.36 2.95 11.97
CA ALA A 38 -1.90 4.30 11.73
C ALA A 38 -0.60 4.26 10.94
N GLN A 39 0.19 3.24 11.22
CA GLN A 39 1.47 3.06 10.53
C GLN A 39 1.21 2.67 9.09
N ILE A 40 0.36 1.67 8.94
CA ILE A 40 -0.06 1.22 7.64
C ILE A 40 -0.75 2.31 6.85
N ALA A 41 -1.60 3.05 7.55
CA ALA A 41 -2.35 4.13 6.93
C ALA A 41 -1.42 5.18 6.36
N ASP A 42 -0.27 5.34 6.99
CA ASP A 42 0.69 6.35 6.55
C ASP A 42 1.31 5.92 5.26
N ALA A 43 1.66 4.65 5.19
CA ALA A 43 2.24 4.11 3.99
C ALA A 43 1.19 4.10 2.89
N LYS A 44 -0.06 3.85 3.28
CA LYS A 44 -1.16 3.80 2.33
C LYS A 44 -1.32 5.12 1.58
N LEU A 45 -1.26 6.25 2.31
CA LEU A 45 -1.42 7.56 1.67
C LEU A 45 -0.21 7.92 0.83
N VAL A 46 0.97 7.68 1.39
CA VAL A 46 2.22 7.98 0.70
C VAL A 46 2.44 7.07 -0.51
N CYS A 47 2.05 5.81 -0.38
CA CYS A 47 2.21 4.81 -1.44
C CYS A 47 1.13 4.94 -2.51
N ASN A 48 -0.05 5.42 -2.10
CA ASN A 48 -1.17 5.56 -3.03
C ASN A 48 -1.07 6.84 -3.86
N ARG A 49 -0.46 7.89 -3.31
CA ARG A 49 -0.33 9.15 -4.02
C ARG A 49 0.91 9.18 -4.92
N CYS A 50 1.75 8.16 -4.81
CA CYS A 50 2.95 8.07 -5.62
C CYS A 50 2.61 7.63 -7.05
N PRO A 51 3.44 8.03 -8.03
CA PRO A 51 3.23 7.68 -9.44
C PRO A 51 3.01 6.18 -9.64
N VAL A 52 3.02 5.74 -10.90
CA VAL A 52 2.79 4.34 -11.22
C VAL A 52 4.01 3.69 -11.88
N THR A 53 4.23 2.42 -11.57
CA THR A 53 5.34 1.64 -12.11
C THR A 53 4.88 0.28 -12.60
N THR A 54 5.76 -0.41 -13.31
CA THR A 54 5.45 -1.75 -13.78
C THR A 54 5.09 -2.64 -12.60
N GLU A 55 5.66 -2.30 -11.42
CA GLU A 55 5.38 -3.06 -10.21
C GLU A 55 3.94 -2.85 -9.77
N CYS A 56 3.46 -1.63 -9.95
CA CYS A 56 2.11 -1.27 -9.58
C CYS A 56 1.08 -1.98 -10.45
N LEU A 57 1.32 -1.98 -11.76
CA LEU A 57 0.40 -2.64 -12.69
C LEU A 57 0.44 -4.15 -12.50
N SER A 58 1.65 -4.69 -12.43
CA SER A 58 1.83 -6.13 -12.25
C SER A 58 1.21 -6.60 -10.94
N TRP A 59 1.28 -5.75 -9.93
CA TRP A 59 0.73 -6.07 -8.61
C TRP A 59 -0.79 -6.14 -8.67
N ALA A 60 -1.39 -5.15 -9.31
CA ALA A 60 -2.84 -5.09 -9.45
C ALA A 60 -3.38 -6.31 -10.18
N LEU A 61 -2.64 -6.76 -11.19
CA LEU A 61 -3.04 -7.91 -11.98
C LEU A 61 -2.93 -9.19 -11.15
N ASN A 62 -1.95 -9.22 -10.27
CA ASN A 62 -1.73 -10.38 -9.40
C ASN A 62 -2.82 -10.49 -8.34
N THR A 63 -3.36 -9.35 -7.94
CA THR A 63 -4.41 -9.31 -6.93
C THR A 63 -5.78 -9.05 -7.57
N GLY A 64 -5.80 -8.84 -8.88
CA GLY A 64 -7.04 -8.58 -9.57
C GLY A 64 -7.72 -7.29 -9.12
N GLN A 65 -6.92 -6.31 -8.74
CA GLN A 65 -7.46 -5.03 -8.29
C GLN A 65 -7.49 -4.01 -9.43
N ASP A 66 -8.62 -3.32 -9.55
CA ASP A 66 -8.78 -2.32 -10.60
C ASP A 66 -8.06 -1.02 -10.23
N SER A 67 -6.88 -0.81 -10.80
CA SER A 67 -6.10 0.38 -10.53
C SER A 67 -5.15 0.69 -11.69
N GLY A 68 -4.63 1.91 -11.71
CA GLY A 68 -3.72 2.31 -12.76
C GLY A 68 -2.99 3.61 -12.44
N VAL A 69 -3.74 4.60 -11.97
CA VAL A 69 -3.17 5.89 -11.62
C VAL A 69 -2.74 5.92 -10.16
N TRP A 70 -3.40 5.13 -9.32
CA TRP A 70 -3.09 5.07 -7.91
C TRP A 70 -1.92 4.13 -7.64
N GLY A 71 -1.56 3.96 -6.37
CA GLY A 71 -0.47 3.10 -6.01
C GLY A 71 -0.91 1.67 -5.76
N GLY A 72 0.04 0.79 -5.48
CA GLY A 72 -0.27 -0.60 -5.21
C GLY A 72 -0.55 -0.87 -3.75
N MET A 73 -1.59 -1.64 -3.48
CA MET A 73 -1.96 -1.97 -2.11
C MET A 73 -2.43 -3.42 -1.98
N SER A 74 -1.98 -4.09 -0.93
CA SER A 74 -2.36 -5.48 -0.68
C SER A 74 -3.70 -5.54 0.03
N GLU A 75 -4.29 -6.73 0.03
CA GLU A 75 -5.58 -6.94 0.69
C GLU A 75 -5.46 -6.71 2.19
N ASP A 76 -4.39 -7.21 2.78
CA ASP A 76 -4.16 -7.04 4.21
C ASP A 76 -4.02 -5.56 4.53
N GLU A 77 -3.44 -4.82 3.60
CA GLU A 77 -3.24 -3.39 3.75
C GLU A 77 -4.58 -2.68 3.85
N ARG A 78 -5.51 -3.08 2.97
CA ARG A 78 -6.84 -2.48 2.97
C ARG A 78 -7.53 -2.73 4.31
N ARG A 79 -7.28 -3.90 4.88
CA ARG A 79 -7.85 -4.26 6.17
C ARG A 79 -7.37 -3.29 7.24
N ALA A 80 -6.08 -2.99 7.20
CA ALA A 80 -5.47 -2.06 8.15
C ALA A 80 -6.10 -0.67 8.03
N LEU A 81 -6.47 -0.32 6.80
CA LEU A 81 -7.07 0.98 6.51
C LEU A 81 -8.50 1.08 7.04
N LYS A 82 -9.31 0.05 6.79
CA LYS A 82 -10.69 0.06 7.24
C LYS A 82 -10.78 0.11 8.75
N ARG A 83 -9.85 -0.58 9.40
CA ARG A 83 -9.81 -0.61 10.87
C ARG A 83 -9.35 0.75 11.41
N ARG A 84 -8.46 1.40 10.67
CA ARG A 84 -7.94 2.71 11.07
C ARG A 84 -9.06 3.73 11.10
N ASN A 85 -9.92 3.71 10.09
CA ASN A 85 -11.04 4.64 10.00
C ASN A 85 -12.11 4.30 11.03
N ALA A 86 -12.27 3.01 11.30
CA ALA A 86 -13.27 2.55 12.26
C ALA A 86 -14.67 2.95 11.84
FE1 SF4 B . 4.32 3.80 -5.76
FE2 SF4 B . 2.93 1.66 -6.70
FE3 SF4 B . 5.40 1.29 -5.64
FE4 SF4 B . 3.27 2.04 -3.96
S1 SF4 B . 3.52 0.12 -5.10
S2 SF4 B . 5.41 2.78 -3.98
S3 SF4 B . 2.12 3.31 -5.38
S4 SF4 B . 4.91 2.49 -7.49
N MET A 11 13.41 7.30 -13.31
CA MET A 11 12.21 7.58 -12.48
C MET A 11 11.71 6.31 -11.80
N ASP A 12 12.00 5.16 -12.41
CA ASP A 12 11.58 3.87 -11.85
C ASP A 12 12.14 3.68 -10.45
N TRP A 13 13.32 4.22 -10.21
CA TRP A 13 13.96 4.11 -8.91
C TRP A 13 13.19 4.87 -7.84
N ARG A 14 12.72 6.06 -8.20
CA ARG A 14 11.96 6.89 -7.28
C ARG A 14 10.60 6.28 -6.96
N HIS A 15 9.96 5.73 -7.99
CA HIS A 15 8.65 5.11 -7.80
C HIS A 15 8.76 3.90 -6.87
N LYS A 16 9.89 3.20 -6.96
CA LYS A 16 10.09 2.04 -6.12
C LYS A 16 10.82 2.49 -4.86
N ALA A 17 11.18 3.76 -4.86
CA ALA A 17 11.84 4.37 -3.73
C ALA A 17 10.83 4.46 -2.62
N VAL A 18 9.63 4.91 -3.00
CA VAL A 18 8.55 5.01 -2.06
C VAL A 18 7.95 3.61 -1.86
N CYS A 19 8.22 2.71 -2.84
CA CYS A 19 7.76 1.31 -2.71
C CYS A 19 8.22 0.75 -1.37
N ARG A 20 9.53 0.55 -1.27
CA ARG A 20 10.16 0.02 -0.06
C ARG A 20 10.14 1.00 1.11
N ASP A 21 10.01 2.29 0.78
CA ASP A 21 10.00 3.35 1.80
C ASP A 21 8.61 3.55 2.40
N GLU A 22 7.68 2.64 2.13
CA GLU A 22 6.34 2.75 2.65
C GLU A 22 6.29 2.26 4.11
N ASP A 23 5.23 1.57 4.49
CA ASP A 23 5.11 1.09 5.86
C ASP A 23 5.30 -0.42 5.91
N PRO A 24 6.26 -0.90 6.73
CA PRO A 24 6.54 -2.34 6.85
C PRO A 24 5.28 -3.13 7.14
N GLU A 25 4.29 -2.47 7.72
CA GLU A 25 3.03 -3.10 8.04
C GLU A 25 2.23 -3.38 6.76
N LEU A 26 2.54 -2.65 5.69
CA LEU A 26 1.84 -2.83 4.41
C LEU A 26 2.21 -4.16 3.78
N PHE A 27 3.26 -4.78 4.29
CA PHE A 27 3.71 -6.08 3.80
C PHE A 27 3.31 -7.18 4.78
N PHE A 28 2.84 -6.77 5.97
CA PHE A 28 2.42 -7.73 6.99
C PHE A 28 1.05 -7.35 7.55
N PRO A 29 0.05 -8.25 7.45
CA PRO A 29 -1.29 -7.99 7.96
C PRO A 29 -1.32 -7.73 9.46
N VAL A 30 -2.05 -6.69 9.87
CA VAL A 30 -2.16 -6.33 11.28
C VAL A 30 -3.15 -7.23 12.00
N GLY A 31 -2.95 -7.36 13.30
CA GLY A 31 -3.83 -8.18 14.11
C GLY A 31 -3.48 -8.18 15.59
N ASN A 32 -2.35 -7.56 15.95
CA ASN A 32 -1.92 -7.51 17.34
C ASN A 32 -1.74 -6.08 17.83
N SER A 33 -1.69 -5.10 16.93
CA SER A 33 -1.51 -3.72 17.33
C SER A 33 -2.43 -2.76 16.58
N GLY A 34 -2.69 -1.62 17.20
CA GLY A 34 -3.52 -0.60 16.59
C GLY A 34 -2.68 0.37 15.77
N PRO A 35 -1.54 0.82 16.32
CA PRO A 35 -0.62 1.72 15.62
C PRO A 35 -0.30 1.20 14.24
N ALA A 36 -0.39 -0.11 14.06
CA ALA A 36 -0.09 -0.70 12.76
C ALA A 36 -1.00 -0.14 11.71
N LEU A 37 -2.22 0.14 12.10
CA LEU A 37 -3.21 0.70 11.18
C LEU A 37 -2.81 2.12 10.81
N ALA A 38 -2.37 2.87 11.81
CA ALA A 38 -1.93 4.23 11.58
C ALA A 38 -0.65 4.23 10.78
N GLN A 39 0.17 3.24 11.04
CA GLN A 39 1.45 3.11 10.34
C GLN A 39 1.18 2.72 8.88
N ILE A 40 0.33 1.71 8.75
CA ILE A 40 -0.08 1.23 7.45
C ILE A 40 -0.79 2.30 6.66
N ALA A 41 -1.67 2.99 7.33
CA ALA A 41 -2.45 4.05 6.71
C ALA A 41 -1.54 5.14 6.19
N ASP A 42 -0.41 5.31 6.84
CA ASP A 42 0.52 6.36 6.46
C ASP A 42 1.19 6.03 5.16
N ALA A 43 1.56 4.77 5.02
CA ALA A 43 2.19 4.33 3.79
C ALA A 43 1.19 4.36 2.64
N LYS A 44 -0.05 4.04 2.94
CA LYS A 44 -1.11 4.03 1.92
C LYS A 44 -1.31 5.43 1.34
N LEU A 45 -1.28 6.47 2.18
CA LEU A 45 -1.45 7.83 1.67
C LEU A 45 -0.25 8.20 0.83
N VAL A 46 0.92 7.87 1.35
CA VAL A 46 2.18 8.16 0.66
C VAL A 46 2.25 7.40 -0.66
N CYS A 47 1.66 6.21 -0.70
CA CYS A 47 1.64 5.40 -1.91
C CYS A 47 0.64 5.94 -2.94
N ASN A 48 -0.29 6.76 -2.48
CA ASN A 48 -1.32 7.34 -3.37
C ASN A 48 -0.80 8.55 -4.14
N ARG A 49 0.17 9.27 -3.59
CA ARG A 49 0.71 10.44 -4.26
C ARG A 49 1.84 10.08 -5.22
N CYS A 50 2.23 8.80 -5.22
CA CYS A 50 3.28 8.31 -6.09
C CYS A 50 2.74 8.14 -7.52
N PRO A 51 3.42 8.74 -8.52
CA PRO A 51 2.99 8.69 -9.93
C PRO A 51 2.53 7.30 -10.39
N VAL A 52 3.01 6.27 -9.72
CA VAL A 52 2.64 4.88 -10.06
C VAL A 52 3.45 4.37 -11.25
N THR A 53 3.80 3.09 -11.19
CA THR A 53 4.59 2.45 -12.24
C THR A 53 4.02 1.10 -12.65
N THR A 54 4.58 0.55 -13.71
CA THR A 54 4.18 -0.76 -14.18
C THR A 54 4.28 -1.75 -13.04
N GLU A 55 5.18 -1.45 -12.09
CA GLU A 55 5.36 -2.30 -10.92
C GLU A 55 4.03 -2.41 -10.18
N CYS A 56 3.35 -1.27 -10.08
CA CYS A 56 2.06 -1.20 -9.42
C CYS A 56 0.99 -1.94 -10.22
N LEU A 57 0.99 -1.71 -11.53
CA LEU A 57 0.01 -2.36 -12.40
C LEU A 57 0.19 -3.87 -12.41
N SER A 58 1.44 -4.28 -12.52
CA SER A 58 1.78 -5.71 -12.54
C SER A 58 1.34 -6.37 -11.24
N TRP A 59 1.45 -5.63 -10.15
CA TRP A 59 1.07 -6.14 -8.83
C TRP A 59 -0.44 -6.38 -8.78
N ALA A 60 -1.20 -5.43 -9.31
CA ALA A 60 -2.65 -5.54 -9.33
C ALA A 60 -3.09 -6.74 -10.15
N LEU A 61 -2.40 -6.99 -11.25
CA LEU A 61 -2.70 -8.11 -12.12
C LEU A 61 -2.45 -9.43 -11.42
N ASN A 62 -1.44 -9.43 -10.56
CA ASN A 62 -1.07 -10.62 -9.80
C ASN A 62 -2.12 -10.92 -8.73
N THR A 63 -2.76 -9.87 -8.24
CA THR A 63 -3.79 -10.02 -7.20
C THR A 63 -5.19 -9.87 -7.77
N GLY A 64 -5.27 -9.59 -9.08
CA GLY A 64 -6.55 -9.43 -9.73
C GLY A 64 -7.24 -8.12 -9.36
N GLN A 65 -6.45 -7.12 -8.99
CA GLN A 65 -7.00 -5.83 -8.62
C GLN A 65 -6.99 -4.87 -9.81
N ASP A 66 -7.84 -3.85 -9.75
CA ASP A 66 -7.93 -2.87 -10.82
C ASP A 66 -6.75 -1.91 -10.79
N SER A 67 -6.67 -1.03 -11.78
CA SER A 67 -5.59 -0.07 -11.87
C SER A 67 -6.13 1.35 -11.83
N GLY A 68 -5.36 2.27 -11.24
CA GLY A 68 -5.78 3.66 -11.15
C GLY A 68 -4.64 4.57 -10.74
N VAL A 69 -4.99 5.68 -10.10
CA VAL A 69 -3.99 6.64 -9.65
C VAL A 69 -3.23 6.13 -8.42
N TRP A 70 -3.90 5.29 -7.64
CA TRP A 70 -3.28 4.73 -6.43
C TRP A 70 -3.47 3.22 -6.39
N GLY A 71 -2.37 2.48 -6.34
CA GLY A 71 -2.43 1.03 -6.29
C GLY A 71 -1.26 0.43 -5.54
N GLY A 72 -0.86 -0.78 -5.95
CA GLY A 72 0.24 -1.45 -5.30
C GLY A 72 -0.04 -1.74 -3.84
N MET A 73 -1.32 -1.92 -3.51
CA MET A 73 -1.71 -2.21 -2.14
C MET A 73 -2.44 -3.55 -2.06
N SER A 74 -2.11 -4.35 -1.05
CA SER A 74 -2.72 -5.64 -0.85
C SER A 74 -4.05 -5.52 -0.11
N GLU A 75 -4.81 -6.59 -0.14
CA GLU A 75 -6.11 -6.64 0.52
C GLU A 75 -5.93 -6.47 2.02
N ASP A 76 -4.85 -7.03 2.56
CA ASP A 76 -4.54 -6.93 3.98
C ASP A 76 -4.33 -5.48 4.35
N GLU A 77 -3.75 -4.73 3.42
CA GLU A 77 -3.49 -3.31 3.62
C GLU A 77 -4.82 -2.56 3.69
N ARG A 78 -5.77 -2.97 2.86
CA ARG A 78 -7.09 -2.36 2.86
C ARG A 78 -7.74 -2.53 4.22
N ARG A 79 -7.51 -3.69 4.84
CA ARG A 79 -8.06 -3.97 6.15
C ARG A 79 -7.42 -3.06 7.20
N ALA A 80 -6.13 -2.81 7.04
CA ALA A 80 -5.39 -1.94 7.96
C ALA A 80 -5.99 -0.55 7.98
N LEU A 81 -6.34 -0.06 6.80
CA LEU A 81 -6.92 1.27 6.65
C LEU A 81 -8.33 1.28 7.24
N LYS A 82 -9.12 0.27 6.91
CA LYS A 82 -10.49 0.18 7.41
C LYS A 82 -10.50 0.04 8.92
N ARG A 83 -9.46 -0.57 9.45
CA ARG A 83 -9.33 -0.76 10.90
C ARG A 83 -9.03 0.58 11.57
N ARG A 84 -8.28 1.42 10.88
CA ARG A 84 -7.94 2.74 11.41
C ARG A 84 -9.18 3.61 11.52
N ASN A 85 -10.02 3.57 10.50
CA ASN A 85 -11.25 4.36 10.48
C ASN A 85 -12.28 3.77 11.45
N ALA A 86 -12.24 2.46 11.61
CA ALA A 86 -13.17 1.78 12.50
C ALA A 86 -12.60 1.67 13.92
FE1 SF4 B . 4.38 3.80 -5.92
FE2 SF4 B . 2.95 1.53 -6.31
FE3 SF4 B . 5.53 1.37 -5.48
FE4 SF4 B . 3.58 2.39 -3.74
S1 SF4 B . 3.74 0.31 -4.53
S2 SF4 B . 5.67 3.13 -4.12
S3 SF4 B . 2.25 3.39 -5.23
S4 SF4 B . 4.81 2.21 -7.45
N MET A 11 13.12 7.78 -13.53
CA MET A 11 12.24 8.01 -12.36
C MET A 11 11.75 6.69 -11.77
N ASP A 12 12.10 5.58 -12.40
CA ASP A 12 11.67 4.26 -11.94
C ASP A 12 12.15 4.02 -10.51
N TRP A 13 13.38 4.43 -10.23
CA TRP A 13 13.96 4.26 -8.90
C TRP A 13 13.13 5.01 -7.86
N ARG A 14 12.59 6.16 -8.25
CA ARG A 14 11.79 6.97 -7.35
C ARG A 14 10.46 6.30 -7.03
N HIS A 15 9.83 5.71 -8.05
CA HIS A 15 8.56 5.03 -7.86
C HIS A 15 8.71 3.84 -6.92
N LYS A 16 9.85 3.18 -6.99
CA LYS A 16 10.10 2.05 -6.12
C LYS A 16 10.82 2.54 -4.87
N ALA A 17 11.14 3.84 -4.90
CA ALA A 17 11.79 4.47 -3.76
C ALA A 17 10.77 4.54 -2.65
N VAL A 18 9.57 4.96 -3.03
CA VAL A 18 8.50 5.05 -2.09
C VAL A 18 7.92 3.65 -1.88
N CYS A 19 8.19 2.74 -2.84
CA CYS A 19 7.75 1.34 -2.70
C CYS A 19 8.25 0.79 -1.38
N ARG A 20 9.57 0.63 -1.29
CA ARG A 20 10.22 0.10 -0.08
C ARG A 20 10.16 1.09 1.07
N ASP A 21 9.99 2.37 0.77
CA ASP A 21 9.94 3.41 1.78
C ASP A 21 8.55 3.56 2.40
N GLU A 22 7.65 2.62 2.11
CA GLU A 22 6.30 2.68 2.65
C GLU A 22 6.29 2.15 4.09
N ASP A 23 5.25 1.41 4.46
CA ASP A 23 5.14 0.88 5.81
C ASP A 23 5.29 -0.64 5.80
N PRO A 24 6.26 -1.17 6.57
CA PRO A 24 6.48 -2.62 6.64
C PRO A 24 5.19 -3.37 6.95
N GLU A 25 4.26 -2.66 7.59
CA GLU A 25 2.97 -3.24 7.94
C GLU A 25 2.11 -3.44 6.69
N LEU A 26 2.44 -2.73 5.62
CA LEU A 26 1.70 -2.86 4.36
C LEU A 26 2.03 -4.19 3.67
N PHE A 27 3.06 -4.86 4.16
CA PHE A 27 3.46 -6.15 3.63
C PHE A 27 3.02 -7.28 4.58
N PHE A 28 2.56 -6.90 5.77
CA PHE A 28 2.10 -7.87 6.76
C PHE A 28 0.74 -7.47 7.33
N PRO A 29 -0.29 -8.33 7.18
CA PRO A 29 -1.63 -8.06 7.69
C PRO A 29 -1.66 -7.85 9.20
N VAL A 30 -2.40 -6.83 9.64
CA VAL A 30 -2.51 -6.53 11.06
C VAL A 30 -3.49 -7.45 11.76
N GLY A 31 -3.30 -7.64 13.06
CA GLY A 31 -4.17 -8.50 13.83
C GLY A 31 -3.79 -8.57 15.30
N ASN A 32 -2.64 -8.02 15.66
CA ASN A 32 -2.19 -8.05 17.05
C ASN A 32 -1.93 -6.65 17.60
N SER A 33 -1.86 -5.63 16.74
CA SER A 33 -1.62 -4.28 17.20
C SER A 33 -2.51 -3.25 16.51
N GLY A 34 -2.72 -2.12 17.19
CA GLY A 34 -3.50 -1.04 16.65
C GLY A 34 -2.65 -0.07 15.87
N PRO A 35 -1.47 0.30 16.41
CA PRO A 35 -0.54 1.19 15.74
C PRO A 35 -0.26 0.74 14.33
N ALA A 36 -0.42 -0.56 14.08
CA ALA A 36 -0.18 -1.10 12.76
C ALA A 36 -1.08 -0.44 11.74
N LEU A 37 -2.28 -0.12 12.18
CA LEU A 37 -3.25 0.54 11.31
C LEU A 37 -2.79 1.95 11.00
N ALA A 38 -2.30 2.62 12.02
CA ALA A 38 -1.82 3.98 11.86
C ALA A 38 -0.54 3.98 11.05
N GLN A 39 0.25 2.93 11.26
CA GLN A 39 1.52 2.78 10.55
C GLN A 39 1.24 2.47 9.09
N ILE A 40 0.36 1.50 8.91
CA ILE A 40 -0.06 1.09 7.60
C ILE A 40 -0.74 2.23 6.86
N ALA A 41 -1.59 2.94 7.57
CA ALA A 41 -2.32 4.05 6.99
C ALA A 41 -1.36 5.11 6.50
N ASP A 42 -0.20 5.19 7.16
CA ASP A 42 0.78 6.21 6.84
C ASP A 42 1.39 5.93 5.50
N ALA A 43 1.73 4.67 5.28
CA ALA A 43 2.31 4.28 4.01
C ALA A 43 1.29 4.48 2.90
N LYS A 44 0.02 4.25 3.21
CA LYS A 44 -1.05 4.42 2.24
C LYS A 44 -1.09 5.86 1.73
N LEU A 45 -1.00 6.84 2.64
CA LEU A 45 -1.03 8.23 2.22
C LEU A 45 0.18 8.54 1.37
N VAL A 46 1.29 7.94 1.72
CA VAL A 46 2.54 8.13 0.99
C VAL A 46 2.47 7.49 -0.41
N CYS A 47 1.96 6.26 -0.47
CA CYS A 47 1.83 5.54 -1.74
C CYS A 47 0.83 6.21 -2.66
N ASN A 48 0.03 7.14 -2.13
CA ASN A 48 -0.98 7.83 -2.92
C ASN A 48 -0.40 8.99 -3.73
N ARG A 49 0.67 9.61 -3.25
CA ARG A 49 1.27 10.73 -3.98
C ARG A 49 2.27 10.24 -5.04
N CYS A 50 2.55 8.95 -5.04
CA CYS A 50 3.45 8.35 -6.03
C CYS A 50 2.74 8.21 -7.37
N PRO A 51 3.45 8.45 -8.49
CA PRO A 51 2.85 8.35 -9.82
C PRO A 51 2.24 6.97 -10.10
N VAL A 52 3.06 6.01 -10.55
CA VAL A 52 2.59 4.66 -10.86
C VAL A 52 3.57 3.96 -11.81
N THR A 53 3.86 2.70 -11.53
CA THR A 53 4.78 1.92 -12.36
C THR A 53 4.25 0.54 -12.67
N THR A 54 4.94 -0.13 -13.58
CA THR A 54 4.58 -1.49 -13.95
C THR A 54 4.56 -2.36 -12.70
N GLU A 55 5.36 -1.97 -11.71
CA GLU A 55 5.43 -2.70 -10.45
C GLU A 55 4.06 -2.74 -9.79
N CYS A 56 3.39 -1.59 -9.79
CA CYS A 56 2.06 -1.48 -9.19
C CYS A 56 1.02 -2.22 -10.02
N LEU A 57 1.07 -2.05 -11.35
CA LEU A 57 0.12 -2.71 -12.24
C LEU A 57 0.30 -4.23 -12.16
N SER A 58 1.55 -4.65 -12.24
CA SER A 58 1.87 -6.07 -12.18
C SER A 58 1.44 -6.65 -10.85
N TRP A 59 1.55 -5.85 -9.80
CA TRP A 59 1.16 -6.27 -8.46
C TRP A 59 -0.31 -6.62 -8.42
N ALA A 60 -1.14 -5.75 -8.99
CA ALA A 60 -2.58 -5.99 -9.03
C ALA A 60 -2.90 -7.23 -9.86
N LEU A 61 -2.16 -7.40 -10.95
CA LEU A 61 -2.36 -8.55 -11.84
C LEU A 61 -1.89 -9.83 -11.16
N ASN A 62 -0.84 -9.71 -10.35
CA ASN A 62 -0.30 -10.85 -9.64
C ASN A 62 -1.23 -11.30 -8.52
N THR A 63 -1.98 -10.36 -7.97
CA THR A 63 -2.93 -10.65 -6.90
C THR A 63 -4.36 -10.66 -7.41
N GLY A 64 -4.53 -10.35 -8.69
CA GLY A 64 -5.85 -10.34 -9.29
C GLY A 64 -6.78 -9.31 -8.67
N GLN A 65 -6.22 -8.15 -8.32
CA GLN A 65 -7.02 -7.09 -7.71
C GLN A 65 -7.49 -6.09 -8.77
N ASP A 66 -8.79 -5.79 -8.76
CA ASP A 66 -9.36 -4.84 -9.70
C ASP A 66 -9.10 -3.41 -9.26
N SER A 67 -8.09 -2.79 -9.86
CA SER A 67 -7.75 -1.41 -9.52
C SER A 67 -7.04 -0.71 -10.67
N GLY A 68 -7.27 0.59 -10.79
CA GLY A 68 -6.64 1.37 -11.85
C GLY A 68 -6.29 2.78 -11.40
N VAL A 69 -6.30 3.01 -10.10
CA VAL A 69 -5.98 4.32 -9.54
C VAL A 69 -4.49 4.41 -9.22
N TRP A 70 -4.01 5.64 -9.08
CA TRP A 70 -2.59 5.87 -8.77
C TRP A 70 -2.34 5.75 -7.27
N GLY A 71 -1.88 4.58 -6.85
CA GLY A 71 -1.61 4.35 -5.44
C GLY A 71 -0.80 3.10 -5.20
N GLY A 72 -1.48 1.96 -5.10
CA GLY A 72 -0.79 0.70 -4.88
C GLY A 72 -1.03 0.15 -3.48
N MET A 73 -2.11 -0.59 -3.32
CA MET A 73 -2.44 -1.17 -2.02
C MET A 73 -3.02 -2.58 -2.16
N SER A 74 -2.57 -3.48 -1.28
CA SER A 74 -3.04 -4.85 -1.26
C SER A 74 -4.33 -4.95 -0.46
N GLU A 75 -5.02 -6.07 -0.61
CA GLU A 75 -6.27 -6.29 0.11
C GLU A 75 -6.06 -6.21 1.61
N ASP A 76 -4.96 -6.80 2.09
CA ASP A 76 -4.64 -6.78 3.51
C ASP A 76 -4.43 -5.35 3.98
N GLU A 77 -3.80 -4.56 3.13
CA GLU A 77 -3.54 -3.16 3.43
C GLU A 77 -4.86 -2.41 3.55
N ARG A 78 -5.82 -2.77 2.70
CA ARG A 78 -7.13 -2.14 2.73
C ARG A 78 -7.79 -2.38 4.08
N ARG A 79 -7.55 -3.57 4.65
CA ARG A 79 -8.10 -3.91 5.94
C ARG A 79 -7.46 -3.03 7.02
N ALA A 80 -6.17 -2.79 6.85
CA ALA A 80 -5.41 -1.95 7.79
C ALA A 80 -5.90 -0.51 7.75
N LEU A 81 -6.32 -0.07 6.58
CA LEU A 81 -6.81 1.30 6.38
C LEU A 81 -8.16 1.50 7.05
N LYS A 82 -9.09 0.56 6.83
CA LYS A 82 -10.42 0.65 7.40
C LYS A 82 -10.36 0.59 8.92
N ARG A 83 -9.42 -0.19 9.44
CA ARG A 83 -9.26 -0.33 10.88
C ARG A 83 -8.69 0.95 11.49
N ARG A 84 -7.83 1.63 10.73
CA ARG A 84 -7.22 2.87 11.20
C ARG A 84 -8.28 3.97 11.33
N ASN A 85 -9.15 4.06 10.33
CA ASN A 85 -10.21 5.06 10.33
C ASN A 85 -11.26 4.75 11.40
N ALA A 86 -11.46 3.46 11.67
CA ALA A 86 -12.43 3.03 12.66
C ALA A 86 -11.94 1.79 13.39
FE1 SF4 B . 4.31 3.77 -5.93
FE2 SF4 B . 2.92 1.47 -6.23
FE3 SF4 B . 5.52 1.36 -5.45
FE4 SF4 B . 3.58 2.41 -3.69
S1 SF4 B . 3.78 0.30 -4.44
S2 SF4 B . 5.65 3.16 -4.13
S3 SF4 B . 2.22 3.33 -5.19
S4 SF4 B . 4.75 2.15 -7.42
N MET A 11 14.13 7.24 -13.01
CA MET A 11 12.70 7.41 -12.65
C MET A 11 12.16 6.17 -11.95
N ASP A 12 12.55 5.00 -12.44
CA ASP A 12 12.11 3.75 -11.84
C ASP A 12 12.61 3.60 -10.42
N TRP A 13 13.84 4.05 -10.17
CA TRP A 13 14.44 3.98 -8.84
C TRP A 13 13.62 4.79 -7.84
N ARG A 14 13.16 5.96 -8.26
CA ARG A 14 12.37 6.83 -7.40
C ARG A 14 11.00 6.22 -7.12
N HIS A 15 10.43 5.56 -8.13
CA HIS A 15 9.13 4.94 -7.99
C HIS A 15 9.18 3.83 -6.94
N LYS A 16 10.31 3.13 -6.91
CA LYS A 16 10.48 2.06 -5.96
C LYS A 16 11.15 2.62 -4.71
N ALA A 17 11.50 3.90 -4.80
CA ALA A 17 12.11 4.59 -3.68
C ALA A 17 11.04 4.79 -2.63
N VAL A 18 9.88 5.24 -3.09
CA VAL A 18 8.77 5.43 -2.20
C VAL A 18 8.20 4.06 -1.86
N CYS A 19 8.43 3.07 -2.75
CA CYS A 19 8.00 1.70 -2.48
C CYS A 19 8.51 1.30 -1.10
N ARG A 20 9.82 1.43 -0.94
CA ARG A 20 10.50 1.10 0.32
C ARG A 20 10.14 2.10 1.42
N ASP A 21 9.70 3.30 1.01
CA ASP A 21 9.33 4.35 1.95
C ASP A 21 7.91 4.16 2.46
N GLU A 22 7.30 3.02 2.18
CA GLU A 22 5.95 2.74 2.59
C GLU A 22 5.95 2.26 4.05
N ASP A 23 4.95 1.48 4.43
CA ASP A 23 4.84 1.00 5.80
C ASP A 23 5.07 -0.50 5.85
N PRO A 24 6.04 -0.95 6.69
CA PRO A 24 6.33 -2.38 6.81
C PRO A 24 5.07 -3.18 7.10
N GLU A 25 4.08 -2.53 7.70
CA GLU A 25 2.82 -3.17 8.02
C GLU A 25 2.05 -3.49 6.74
N LEU A 26 2.39 -2.81 5.65
CA LEU A 26 1.74 -3.06 4.36
C LEU A 26 2.24 -4.37 3.77
N PHE A 27 3.35 -4.87 4.31
CA PHE A 27 3.92 -6.14 3.89
C PHE A 27 3.61 -7.20 4.93
N PHE A 28 3.07 -6.77 6.08
CA PHE A 28 2.72 -7.69 7.17
C PHE A 28 1.31 -7.41 7.66
N PRO A 29 0.40 -8.40 7.59
CA PRO A 29 -0.98 -8.23 8.04
C PRO A 29 -1.08 -7.86 9.52
N VAL A 30 -1.91 -6.86 9.82
CA VAL A 30 -2.12 -6.42 11.19
C VAL A 30 -3.13 -7.30 11.92
N GLY A 31 -3.00 -7.35 13.24
CA GLY A 31 -3.92 -8.16 14.03
C GLY A 31 -3.61 -8.14 15.51
N ASN A 32 -2.49 -7.51 15.89
CA ASN A 32 -2.09 -7.45 17.29
C ASN A 32 -1.92 -6.01 17.77
N SER A 33 -1.86 -5.05 16.84
CA SER A 33 -1.69 -3.66 17.23
C SER A 33 -2.62 -2.72 16.46
N GLY A 34 -2.89 -1.57 17.08
CA GLY A 34 -3.73 -0.56 16.44
C GLY A 34 -2.90 0.39 15.61
N PRO A 35 -1.76 0.86 16.14
CA PRO A 35 -0.86 1.75 15.42
C PRO A 35 -0.55 1.21 14.04
N ALA A 36 -0.63 -0.10 13.88
CA ALA A 36 -0.32 -0.71 12.60
C ALA A 36 -1.26 -0.17 11.53
N LEU A 37 -2.48 0.11 11.93
CA LEU A 37 -3.47 0.65 11.02
C LEU A 37 -3.08 2.05 10.61
N ALA A 38 -2.64 2.83 11.58
CA ALA A 38 -2.22 4.19 11.32
C ALA A 38 -0.94 4.19 10.51
N GLN A 39 -0.10 3.20 10.81
CA GLN A 39 1.17 3.06 10.11
C GLN A 39 0.90 2.65 8.67
N ILE A 40 0.07 1.64 8.54
CA ILE A 40 -0.35 1.13 7.25
C ILE A 40 -1.06 2.19 6.43
N ALA A 41 -1.98 2.88 7.08
CA ALA A 41 -2.76 3.91 6.43
C ALA A 41 -1.86 5.00 5.88
N ASP A 42 -0.73 5.20 6.55
CA ASP A 42 0.19 6.25 6.17
C ASP A 42 0.90 5.89 4.90
N ALA A 43 1.33 4.64 4.82
CA ALA A 43 2.01 4.18 3.64
C ALA A 43 1.04 4.09 2.47
N LYS A 44 -0.19 3.71 2.78
CA LYS A 44 -1.22 3.60 1.76
C LYS A 44 -1.45 4.96 1.08
N LEU A 45 -1.44 6.02 1.88
CA LEU A 45 -1.66 7.36 1.34
C LEU A 45 -0.47 7.79 0.49
N VAL A 46 0.73 7.54 0.99
CA VAL A 46 1.96 7.88 0.26
C VAL A 46 2.13 7.02 -0.98
N CYS A 47 1.69 5.77 -0.88
CA CYS A 47 1.79 4.81 -1.99
C CYS A 47 0.80 5.14 -3.10
N ASN A 48 -0.31 5.78 -2.72
CA ASN A 48 -1.35 6.15 -3.69
C ASN A 48 -0.99 7.43 -4.44
N ARG A 49 -0.25 8.33 -3.78
CA ARG A 49 0.13 9.58 -4.41
C ARG A 49 1.53 9.50 -5.03
N CYS A 50 2.23 8.40 -4.80
CA CYS A 50 3.56 8.21 -5.36
C CYS A 50 3.46 7.84 -6.84
N PRO A 51 4.44 8.25 -7.65
CA PRO A 51 4.47 7.96 -9.08
C PRO A 51 3.95 6.56 -9.43
N VAL A 52 2.99 6.50 -10.34
CA VAL A 52 2.41 5.24 -10.76
C VAL A 52 3.30 4.54 -11.81
N THR A 53 3.49 3.24 -11.61
CA THR A 53 4.32 2.46 -12.52
C THR A 53 3.67 1.14 -12.89
N THR A 54 4.24 0.50 -13.91
CA THR A 54 3.76 -0.79 -14.35
C THR A 54 3.79 -1.77 -13.19
N GLU A 55 4.69 -1.53 -12.24
CA GLU A 55 4.83 -2.39 -11.08
C GLU A 55 3.53 -2.41 -10.28
N CYS A 56 2.95 -1.23 -10.09
CA CYS A 56 1.71 -1.09 -9.33
C CYS A 56 0.53 -1.68 -10.11
N LEU A 57 0.45 -1.38 -11.40
CA LEU A 57 -0.65 -1.89 -12.22
C LEU A 57 -0.55 -3.40 -12.38
N SER A 58 0.65 -3.87 -12.68
CA SER A 58 0.90 -5.31 -12.86
C SER A 58 0.60 -6.07 -11.58
N TRP A 59 0.88 -5.43 -10.45
CA TRP A 59 0.64 -6.05 -9.15
C TRP A 59 -0.85 -6.22 -8.90
N ALA A 60 -1.62 -5.20 -9.25
CA ALA A 60 -3.07 -5.24 -9.07
C ALA A 60 -3.68 -6.33 -9.93
N LEU A 61 -3.16 -6.50 -11.14
CA LEU A 61 -3.65 -7.51 -12.06
C LEU A 61 -3.31 -8.91 -11.56
N ASN A 62 -2.16 -9.03 -10.92
CA ASN A 62 -1.70 -10.31 -10.39
C ASN A 62 -2.53 -10.72 -9.18
N THR A 63 -3.04 -9.73 -8.46
CA THR A 63 -3.85 -9.97 -7.28
C THR A 63 -5.33 -9.72 -7.56
N GLY A 64 -5.63 -9.29 -8.78
CA GLY A 64 -7.01 -9.03 -9.15
C GLY A 64 -7.63 -7.90 -8.35
N GLN A 65 -6.81 -6.93 -7.95
CA GLN A 65 -7.30 -5.80 -7.18
C GLN A 65 -7.63 -4.62 -8.09
N ASP A 66 -8.71 -3.90 -7.75
CA ASP A 66 -9.13 -2.75 -8.54
C ASP A 66 -8.16 -1.60 -8.37
N SER A 67 -7.88 -0.90 -9.48
CA SER A 67 -6.96 0.23 -9.47
C SER A 67 -7.28 1.19 -10.61
N GLY A 68 -6.61 2.35 -10.59
CA GLY A 68 -6.83 3.34 -11.64
C GLY A 68 -5.63 4.24 -11.82
N VAL A 69 -5.58 5.33 -11.06
CA VAL A 69 -4.48 6.28 -11.14
C VAL A 69 -3.29 5.82 -10.31
N TRP A 70 -3.57 5.09 -9.24
CA TRP A 70 -2.52 4.60 -8.35
C TRP A 70 -2.70 3.10 -8.11
N GLY A 71 -1.79 2.53 -7.31
CA GLY A 71 -1.86 1.11 -7.01
C GLY A 71 -0.70 0.64 -6.17
N GLY A 72 -0.47 -0.67 -6.16
CA GLY A 72 0.62 -1.23 -5.38
C GLY A 72 0.28 -1.36 -3.91
N MET A 73 -0.97 -1.71 -3.62
CA MET A 73 -1.42 -1.86 -2.25
C MET A 73 -1.92 -3.29 -2.00
N SER A 74 -1.54 -3.85 -0.85
CA SER A 74 -1.92 -5.21 -0.50
C SER A 74 -3.31 -5.26 0.12
N GLU A 75 -3.94 -6.41 -0.02
CA GLU A 75 -5.27 -6.65 0.53
C GLU A 75 -5.25 -6.42 2.04
N ASP A 76 -4.15 -6.81 2.67
CA ASP A 76 -3.99 -6.63 4.10
C ASP A 76 -4.01 -5.15 4.44
N GLU A 77 -3.49 -4.36 3.52
CA GLU A 77 -3.47 -2.91 3.68
C GLU A 77 -4.89 -2.38 3.71
N ARG A 78 -5.73 -2.96 2.86
CA ARG A 78 -7.13 -2.55 2.79
C ARG A 78 -7.81 -2.81 4.13
N ARG A 79 -7.54 -3.98 4.70
CA ARG A 79 -8.11 -4.35 5.99
C ARG A 79 -7.59 -3.43 7.08
N ALA A 80 -6.32 -3.08 6.97
CA ALA A 80 -5.66 -2.19 7.93
C ALA A 80 -6.38 -0.84 7.99
N LEU A 81 -6.82 -0.39 6.83
CA LEU A 81 -7.53 0.89 6.72
C LEU A 81 -8.90 0.79 7.36
N LYS A 82 -9.59 -0.32 7.08
CA LYS A 82 -10.92 -0.53 7.63
C LYS A 82 -10.88 -0.61 9.15
N ARG A 83 -9.79 -1.15 9.66
CA ARG A 83 -9.60 -1.28 11.10
C ARG A 83 -9.33 0.08 11.72
N ARG A 84 -8.66 0.95 10.98
CA ARG A 84 -8.34 2.29 11.45
C ARG A 84 -9.62 3.11 11.62
N ASN A 85 -10.51 3.00 10.65
CA ASN A 85 -11.78 3.72 10.68
C ASN A 85 -12.72 3.14 11.73
N ALA A 86 -12.65 1.81 11.90
CA ALA A 86 -13.49 1.13 12.88
C ALA A 86 -12.78 1.00 14.21
FE1 SF4 B . 4.94 3.93 -5.50
FE2 SF4 B . 3.89 1.91 -6.98
FE3 SF4 B . 5.90 1.37 -5.22
FE4 SF4 B . 3.35 2.10 -4.26
S1 SF4 B . 3.92 0.26 -5.38
S2 SF4 B . 5.39 2.76 -3.55
S3 SF4 B . 2.74 3.51 -5.88
S4 SF4 B . 6.04 2.70 -7.05
N MET A 11 12.85 8.11 -12.34
CA MET A 11 11.44 8.17 -11.87
C MET A 11 10.94 6.79 -11.47
N ASP A 12 11.26 5.78 -12.28
CA ASP A 12 10.84 4.41 -12.01
C ASP A 12 11.38 3.94 -10.66
N TRP A 13 12.66 4.18 -10.43
CA TRP A 13 13.30 3.77 -9.19
C TRP A 13 12.71 4.51 -8.00
N ARG A 14 12.33 5.77 -8.22
CA ARG A 14 11.74 6.58 -7.15
C ARG A 14 10.35 6.08 -6.80
N HIS A 15 9.60 5.65 -7.81
CA HIS A 15 8.25 5.15 -7.60
C HIS A 15 8.29 3.85 -6.80
N LYS A 16 9.32 3.06 -7.04
CA LYS A 16 9.46 1.81 -6.33
C LYS A 16 10.31 2.07 -5.09
N ALA A 17 10.79 3.30 -5.01
CA ALA A 17 11.56 3.74 -3.85
C ALA A 17 10.60 3.84 -2.70
N VAL A 18 9.46 4.47 -2.98
CA VAL A 18 8.43 4.60 -1.98
C VAL A 18 7.79 3.24 -1.76
N CYS A 19 7.92 2.37 -2.78
CA CYS A 19 7.42 1.00 -2.67
C CYS A 19 7.99 0.36 -1.40
N ARG A 20 9.28 0.06 -1.46
CA ARG A 20 9.98 -0.57 -0.33
C ARG A 20 10.16 0.38 0.85
N ASP A 21 10.11 1.68 0.59
CA ASP A 21 10.28 2.70 1.63
C ASP A 21 8.98 2.98 2.37
N GLU A 22 7.97 2.14 2.16
CA GLU A 22 6.68 2.34 2.80
C GLU A 22 6.70 1.82 4.23
N ASP A 23 5.59 1.25 4.69
CA ASP A 23 5.50 0.75 6.05
C ASP A 23 5.51 -0.77 6.08
N PRO A 24 6.43 -1.40 6.84
CA PRO A 24 6.52 -2.85 6.92
C PRO A 24 5.17 -3.47 7.27
N GLU A 25 4.31 -2.67 7.90
CA GLU A 25 2.98 -3.11 8.26
C GLU A 25 2.11 -3.27 7.01
N LEU A 26 2.53 -2.62 5.92
CA LEU A 26 1.81 -2.72 4.65
C LEU A 26 2.03 -4.08 4.00
N PHE A 27 2.99 -4.83 4.54
CA PHE A 27 3.29 -6.16 4.05
C PHE A 27 2.76 -7.22 5.02
N PHE A 28 2.28 -6.78 6.19
CA PHE A 28 1.75 -7.71 7.18
C PHE A 28 0.37 -7.24 7.67
N PRO A 29 -0.55 -8.19 7.95
CA PRO A 29 -1.89 -7.87 8.41
C PRO A 29 -1.92 -7.43 9.88
N VAL A 30 -2.66 -6.35 10.16
CA VAL A 30 -2.78 -5.85 11.52
C VAL A 30 -3.85 -6.62 12.29
N GLY A 31 -3.69 -6.64 13.61
CA GLY A 31 -4.64 -7.33 14.45
C GLY A 31 -4.21 -7.36 15.90
N ASN A 32 -2.91 -7.27 16.13
CA ASN A 32 -2.37 -7.29 17.48
C ASN A 32 -2.07 -5.88 17.99
N SER A 33 -2.05 -4.89 17.09
CA SER A 33 -1.77 -3.52 17.51
C SER A 33 -2.61 -2.50 16.75
N GLY A 34 -2.80 -1.35 17.38
CA GLY A 34 -3.53 -0.26 16.75
C GLY A 34 -2.60 0.63 15.97
N PRO A 35 -1.43 0.98 16.55
CA PRO A 35 -0.44 1.81 15.87
C PRO A 35 -0.13 1.29 14.49
N ALA A 36 -0.34 0.00 14.28
CA ALA A 36 -0.07 -0.60 12.98
C ALA A 36 -0.92 0.08 11.91
N LEU A 37 -2.11 0.47 12.29
CA LEU A 37 -3.00 1.16 11.37
C LEU A 37 -2.47 2.53 11.05
N ALA A 38 -1.98 3.22 12.06
CA ALA A 38 -1.42 4.54 11.88
C ALA A 38 -0.11 4.43 11.10
N GLN A 39 0.61 3.35 11.37
CA GLN A 39 1.87 3.10 10.69
C GLN A 39 1.61 2.78 9.23
N ILE A 40 0.68 1.86 9.05
CA ILE A 40 0.25 1.44 7.74
C ILE A 40 -0.36 2.60 6.96
N ALA A 41 -1.19 3.36 7.64
CA ALA A 41 -1.88 4.48 7.03
C ALA A 41 -0.88 5.49 6.52
N ASP A 42 0.27 5.57 7.18
CA ASP A 42 1.29 6.53 6.81
C ASP A 42 1.92 6.11 5.50
N ALA A 43 2.24 4.85 5.41
CA ALA A 43 2.85 4.32 4.21
C ALA A 43 1.83 4.32 3.08
N LYS A 44 0.59 4.05 3.43
CA LYS A 44 -0.49 4.02 2.46
C LYS A 44 -0.70 5.40 1.82
N LEU A 45 -0.62 6.45 2.64
CA LEU A 45 -0.82 7.80 2.12
C LEU A 45 0.35 8.22 1.23
N VAL A 46 1.56 7.92 1.68
CA VAL A 46 2.76 8.24 0.90
C VAL A 46 2.85 7.35 -0.35
N CYS A 47 2.37 6.13 -0.22
CA CYS A 47 2.38 5.16 -1.31
C CYS A 47 1.29 5.47 -2.33
N ASN A 48 0.27 6.20 -1.90
CA ASN A 48 -0.85 6.57 -2.78
C ASN A 48 -0.51 7.77 -3.65
N ARG A 49 0.34 8.67 -3.15
CA ARG A 49 0.69 9.87 -3.90
C ARG A 49 1.87 9.61 -4.85
N CYS A 50 2.48 8.44 -4.75
CA CYS A 50 3.59 8.08 -5.62
C CYS A 50 3.07 7.72 -7.02
N PRO A 51 3.61 8.36 -8.08
CA PRO A 51 3.19 8.09 -9.45
C PRO A 51 3.19 6.60 -9.78
N VAL A 52 2.05 6.10 -10.25
CA VAL A 52 1.91 4.69 -10.60
C VAL A 52 2.95 4.27 -11.64
N THR A 53 3.44 3.04 -11.51
CA THR A 53 4.43 2.49 -12.42
C THR A 53 4.06 1.09 -12.86
N THR A 54 4.79 0.57 -13.83
CA THR A 54 4.56 -0.77 -14.31
C THR A 54 4.62 -1.73 -13.12
N GLU A 55 5.39 -1.34 -12.10
CA GLU A 55 5.50 -2.16 -10.89
C GLU A 55 4.13 -2.26 -10.22
N CYS A 56 3.43 -1.14 -10.21
CA CYS A 56 2.10 -1.07 -9.61
C CYS A 56 1.08 -1.87 -10.41
N LEU A 57 1.11 -1.71 -11.74
CA LEU A 57 0.18 -2.42 -12.62
C LEU A 57 0.50 -3.90 -12.62
N SER A 58 1.78 -4.24 -12.66
CA SER A 58 2.21 -5.62 -12.69
C SER A 58 1.75 -6.36 -11.43
N TRP A 59 1.79 -5.65 -10.31
CA TRP A 59 1.38 -6.22 -9.04
C TRP A 59 -0.13 -6.45 -9.02
N ALA A 60 -0.87 -5.49 -9.57
CA ALA A 60 -2.32 -5.60 -9.63
C ALA A 60 -2.74 -6.78 -10.50
N LEU A 61 -2.00 -7.00 -11.59
CA LEU A 61 -2.30 -8.10 -12.50
C LEU A 61 -2.02 -9.45 -11.85
N ASN A 62 -1.00 -9.49 -11.01
CA ASN A 62 -0.63 -10.72 -10.31
C ASN A 62 -1.65 -11.07 -9.24
N THR A 63 -2.29 -10.04 -8.69
CA THR A 63 -3.30 -10.24 -7.65
C THR A 63 -4.72 -10.05 -8.20
N GLY A 64 -4.81 -9.70 -9.47
CA GLY A 64 -6.11 -9.51 -10.09
C GLY A 64 -6.89 -8.37 -9.48
N GLN A 65 -6.19 -7.33 -9.02
CA GLN A 65 -6.83 -6.18 -8.40
C GLN A 65 -6.97 -5.03 -9.40
N ASP A 66 -8.04 -4.26 -9.26
CA ASP A 66 -8.29 -3.13 -10.14
C ASP A 66 -7.42 -1.93 -9.75
N SER A 67 -7.04 -1.14 -10.74
CA SER A 67 -6.21 0.03 -10.50
C SER A 67 -6.52 1.14 -11.51
N GLY A 68 -6.35 2.39 -11.07
CA GLY A 68 -6.61 3.52 -11.95
C GLY A 68 -5.79 4.74 -11.58
N VAL A 69 -6.33 5.57 -10.70
CA VAL A 69 -5.64 6.78 -10.25
C VAL A 69 -4.79 6.50 -9.01
N TRP A 70 -5.24 5.57 -8.19
CA TRP A 70 -4.52 5.21 -6.98
C TRP A 70 -3.57 4.04 -7.23
N GLY A 71 -2.38 4.13 -6.64
CA GLY A 71 -1.39 3.08 -6.81
C GLY A 71 -1.80 1.78 -6.14
N GLY A 72 -1.80 0.69 -6.90
CA GLY A 72 -2.17 -0.61 -6.36
C GLY A 72 -1.53 -0.88 -5.01
N MET A 73 -2.33 -1.37 -4.07
CA MET A 73 -1.86 -1.68 -2.73
C MET A 73 -2.07 -3.15 -2.39
N SER A 74 -1.42 -3.61 -1.33
CA SER A 74 -1.53 -4.98 -0.89
C SER A 74 -2.78 -5.19 -0.04
N GLU A 75 -3.14 -6.45 0.14
CA GLU A 75 -4.30 -6.81 0.94
C GLU A 75 -4.13 -6.37 2.39
N ASP A 76 -2.88 -6.42 2.86
CA ASP A 76 -2.58 -6.04 4.23
C ASP A 76 -2.90 -4.56 4.45
N GLU A 77 -2.60 -3.77 3.43
CA GLU A 77 -2.86 -2.34 3.48
C GLU A 77 -4.36 -2.07 3.47
N ARG A 78 -5.09 -2.85 2.70
CA ARG A 78 -6.54 -2.70 2.62
C ARG A 78 -7.18 -2.93 3.98
N ARG A 79 -6.74 -3.99 4.67
CA ARG A 79 -7.27 -4.33 5.99
C ARG A 79 -6.97 -3.22 7.00
N ALA A 80 -5.76 -2.69 6.95
CA ALA A 80 -5.34 -1.63 7.87
C ALA A 80 -6.23 -0.39 7.72
N LEU A 81 -6.52 -0.05 6.47
CA LEU A 81 -7.34 1.11 6.16
C LEU A 81 -8.79 0.87 6.57
N LYS A 82 -9.31 -0.31 6.23
CA LYS A 82 -10.68 -0.66 6.57
C LYS A 82 -10.87 -0.70 8.08
N ARG A 83 -9.82 -1.08 8.78
CA ARG A 83 -9.86 -1.16 10.24
C ARG A 83 -9.93 0.24 10.84
N ARG A 84 -9.26 1.19 10.18
CA ARG A 84 -9.26 2.58 10.65
C ARG A 84 -10.64 3.19 10.51
N ASN A 85 -11.29 2.94 9.38
CA ASN A 85 -12.62 3.46 9.11
C ASN A 85 -13.66 2.76 9.97
N ALA A 86 -13.44 1.48 10.24
CA ALA A 86 -14.35 0.69 11.05
C ALA A 86 -13.97 0.75 12.52
FE1 SF4 B . 4.25 3.56 -5.66
FE2 SF4 B . 2.65 1.51 -6.46
FE3 SF4 B . 5.02 0.96 -5.26
FE4 SF4 B . 2.94 2.13 -3.76
S1 SF4 B . 2.99 0.08 -4.69
S2 SF4 B . 5.13 2.61 -3.75
S3 SF4 B . 2.01 3.37 -5.35
S4 SF4 B . 4.74 2.02 -7.23
N MET A 11 14.35 6.62 -12.85
CA MET A 11 12.99 6.90 -12.32
C MET A 11 12.36 5.64 -11.73
N ASP A 12 12.78 4.48 -12.23
CA ASP A 12 12.25 3.22 -11.74
C ASP A 12 12.61 3.00 -10.27
N TRP A 13 13.88 3.19 -9.95
CA TRP A 13 14.35 3.01 -8.58
C TRP A 13 13.63 3.96 -7.63
N ARG A 14 13.26 5.14 -8.14
CA ARG A 14 12.56 6.13 -7.34
C ARG A 14 11.14 5.65 -7.05
N HIS A 15 10.51 5.02 -8.03
CA HIS A 15 9.16 4.53 -7.89
C HIS A 15 9.11 3.44 -6.81
N LYS A 16 10.18 2.66 -6.75
CA LYS A 16 10.25 1.60 -5.75
C LYS A 16 10.96 2.16 -4.53
N ALA A 17 11.41 3.39 -4.65
CA ALA A 17 12.07 4.07 -3.56
C ALA A 17 11.03 4.37 -2.52
N VAL A 18 9.89 4.87 -3.00
CA VAL A 18 8.79 5.17 -2.11
C VAL A 18 8.09 3.85 -1.78
N CYS A 19 8.28 2.83 -2.64
CA CYS A 19 7.72 1.51 -2.36
C CYS A 19 8.11 1.06 -0.96
N ARG A 20 9.40 0.76 -0.81
CA ARG A 20 9.96 0.31 0.46
C ARG A 20 10.00 1.41 1.52
N ASP A 21 9.97 2.66 1.08
CA ASP A 21 10.01 3.81 1.97
C ASP A 21 8.63 4.15 2.52
N GLU A 22 7.66 3.27 2.30
CA GLU A 22 6.30 3.51 2.76
C GLU A 22 6.19 3.10 4.24
N ASP A 23 5.13 2.40 4.65
CA ASP A 23 4.99 2.02 6.05
C ASP A 23 5.37 0.56 6.24
N PRO A 24 6.33 0.27 7.14
CA PRO A 24 6.77 -1.10 7.39
C PRO A 24 5.59 -2.02 7.70
N GLU A 25 4.51 -1.41 8.17
CA GLU A 25 3.30 -2.16 8.48
C GLU A 25 2.62 -2.66 7.20
N LEU A 26 2.95 -2.04 6.07
CA LEU A 26 2.37 -2.46 4.78
C LEU A 26 3.03 -3.76 4.31
N PHE A 27 4.12 -4.13 4.96
CA PHE A 27 4.84 -5.35 4.64
C PHE A 27 4.54 -6.44 5.68
N PHE A 28 3.90 -6.04 6.78
CA PHE A 28 3.55 -6.97 7.85
C PHE A 28 2.07 -6.87 8.20
N PRO A 29 1.39 -8.02 8.44
CA PRO A 29 -0.03 -8.03 8.77
C PRO A 29 -0.31 -7.55 10.20
N VAL A 30 -1.32 -6.69 10.35
CA VAL A 30 -1.70 -6.16 11.64
C VAL A 30 -2.59 -7.14 12.39
N GLY A 31 -2.57 -7.06 13.71
CA GLY A 31 -3.38 -7.94 14.52
C GLY A 31 -3.18 -7.72 16.00
N ASN A 32 -2.05 -7.12 16.37
CA ASN A 32 -1.75 -6.87 17.78
C ASN A 32 -1.92 -5.39 18.14
N SER A 33 -2.02 -4.51 17.13
CA SER A 33 -2.17 -3.09 17.42
C SER A 33 -3.16 -2.41 16.47
N GLY A 34 -3.72 -1.31 16.96
CA GLY A 34 -4.64 -0.52 16.16
C GLY A 34 -3.90 0.54 15.36
N PRO A 35 -2.94 1.24 15.99
CA PRO A 35 -2.13 2.25 15.33
C PRO A 35 -1.55 1.72 14.03
N ALA A 36 -1.39 0.41 13.95
CA ALA A 36 -0.82 -0.19 12.75
C ALA A 36 -1.68 0.12 11.54
N LEU A 37 -2.98 0.21 11.77
CA LEU A 37 -3.92 0.54 10.71
C LEU A 37 -3.74 1.98 10.28
N ALA A 38 -3.56 2.85 11.26
CA ALA A 38 -3.36 4.26 10.98
C ALA A 38 -2.00 4.46 10.33
N GLN A 39 -1.04 3.65 10.78
CA GLN A 39 0.31 3.71 10.25
C GLN A 39 0.31 3.19 8.83
N ILE A 40 -0.31 2.04 8.67
CA ILE A 40 -0.45 1.41 7.38
C ILE A 40 -1.24 2.29 6.42
N ALA A 41 -2.30 2.87 6.94
CA ALA A 41 -3.16 3.73 6.15
C ALA A 41 -2.38 4.92 5.62
N ASP A 42 -1.38 5.34 6.37
CA ASP A 42 -0.60 6.51 6.00
C ASP A 42 0.25 6.17 4.81
N ALA A 43 0.80 4.98 4.83
CA ALA A 43 1.61 4.53 3.72
C ALA A 43 0.73 4.31 2.49
N LYS A 44 -0.49 3.87 2.73
CA LYS A 44 -1.44 3.64 1.64
C LYS A 44 -1.70 4.92 0.85
N LEU A 45 -1.91 6.04 1.55
CA LEU A 45 -2.18 7.31 0.87
C LEU A 45 -0.93 7.80 0.17
N VAL A 46 0.19 7.71 0.86
CA VAL A 46 1.48 8.13 0.29
C VAL A 46 1.87 7.25 -0.88
N CYS A 47 1.48 5.98 -0.80
CA CYS A 47 1.77 5.00 -1.85
C CYS A 47 0.92 5.26 -3.09
N ASN A 48 -0.25 5.85 -2.88
CA ASN A 48 -1.17 6.15 -3.98
C ASN A 48 -0.78 7.43 -4.70
N ARG A 49 -0.19 8.37 -3.97
CA ARG A 49 0.22 9.65 -4.57
C ARG A 49 1.65 9.59 -5.11
N CYS A 50 2.34 8.49 -4.85
CA CYS A 50 3.71 8.31 -5.34
C CYS A 50 3.69 7.96 -6.83
N PRO A 51 4.76 8.31 -7.56
CA PRO A 51 4.87 8.03 -8.99
C PRO A 51 4.26 6.68 -9.39
N VAL A 52 3.20 6.74 -10.19
CA VAL A 52 2.52 5.53 -10.65
C VAL A 52 3.36 4.75 -11.65
N THR A 53 3.40 3.44 -11.46
CA THR A 53 4.17 2.56 -12.33
C THR A 53 3.38 1.33 -12.75
N THR A 54 3.88 0.66 -13.78
CA THR A 54 3.26 -0.57 -14.26
C THR A 54 3.14 -1.56 -13.12
N GLU A 55 4.06 -1.45 -12.14
CA GLU A 55 4.05 -2.35 -10.99
C GLU A 55 2.75 -2.24 -10.22
N CYS A 56 2.31 -1.00 -10.01
CA CYS A 56 1.07 -0.74 -9.27
C CYS A 56 -0.14 -1.16 -10.09
N LEU A 57 -0.15 -0.80 -11.38
CA LEU A 57 -1.26 -1.15 -12.26
C LEU A 57 -1.36 -2.66 -12.38
N SER A 58 -0.21 -3.29 -12.57
CA SER A 58 -0.14 -4.74 -12.71
C SER A 58 -0.69 -5.41 -11.46
N TRP A 59 -0.45 -4.78 -10.33
CA TRP A 59 -0.94 -5.28 -9.05
C TRP A 59 -2.46 -5.31 -9.06
N ALA A 60 -3.05 -4.25 -9.61
CA ALA A 60 -4.49 -4.14 -9.69
C ALA A 60 -5.05 -5.29 -10.53
N LEU A 61 -4.36 -5.62 -11.61
CA LEU A 61 -4.78 -6.71 -12.48
C LEU A 61 -4.60 -8.05 -11.79
N ASN A 62 -3.54 -8.14 -10.99
CA ASN A 62 -3.23 -9.36 -10.26
C ASN A 62 -4.25 -9.58 -9.13
N THR A 63 -4.78 -8.49 -8.60
CA THR A 63 -5.75 -8.56 -7.53
C THR A 63 -7.17 -8.31 -8.05
N GLY A 64 -7.28 -8.04 -9.34
CA GLY A 64 -8.57 -7.80 -9.95
C GLY A 64 -9.27 -6.58 -9.40
N GLN A 65 -8.51 -5.53 -9.10
CA GLN A 65 -9.09 -4.30 -8.56
C GLN A 65 -9.33 -3.29 -9.67
N ASP A 66 -10.54 -2.74 -9.71
CA ASP A 66 -10.91 -1.76 -10.72
C ASP A 66 -10.36 -0.38 -10.37
N SER A 67 -9.10 -0.14 -10.73
CA SER A 67 -8.46 1.14 -10.45
C SER A 67 -7.32 1.42 -11.43
N GLY A 68 -7.10 2.69 -11.72
CA GLY A 68 -6.05 3.07 -12.64
C GLY A 68 -4.79 3.49 -11.91
N VAL A 69 -4.80 4.69 -11.35
CA VAL A 69 -3.66 5.21 -10.61
C VAL A 69 -3.77 4.86 -9.13
N TRP A 70 -3.38 3.63 -8.79
CA TRP A 70 -3.44 3.18 -7.40
C TRP A 70 -2.05 2.88 -6.87
N GLY A 71 -1.90 2.98 -5.54
CA GLY A 71 -0.61 2.73 -4.92
C GLY A 71 -0.07 1.35 -5.23
N GLY A 72 -0.82 0.32 -4.84
CA GLY A 72 -0.39 -1.05 -5.09
C GLY A 72 0.34 -1.64 -3.90
N MET A 73 -0.42 -2.22 -2.97
CA MET A 73 0.15 -2.83 -1.78
C MET A 73 -0.43 -4.23 -1.55
N SER A 74 0.22 -5.00 -0.68
CA SER A 74 -0.20 -6.36 -0.39
C SER A 74 -1.57 -6.41 0.30
N GLU A 75 -2.12 -7.61 0.30
CA GLU A 75 -3.42 -7.86 0.91
C GLU A 75 -3.42 -7.42 2.36
N ASP A 76 -2.27 -7.53 3.01
CA ASP A 76 -2.15 -7.13 4.41
C ASP A 76 -2.44 -5.65 4.54
N GLU A 77 -2.06 -4.91 3.52
CA GLU A 77 -2.30 -3.47 3.50
C GLU A 77 -3.79 -3.20 3.31
N ARG A 78 -4.43 -4.02 2.47
CA ARG A 78 -5.86 -3.88 2.20
C ARG A 78 -6.66 -4.07 3.49
N ARG A 79 -6.29 -5.09 4.26
CA ARG A 79 -6.97 -5.37 5.52
C ARG A 79 -6.71 -4.26 6.53
N ALA A 80 -5.48 -3.75 6.52
CA ALA A 80 -5.09 -2.67 7.41
C ALA A 80 -5.95 -1.43 7.17
N LEU A 81 -6.33 -1.26 5.90
CA LEU A 81 -7.15 -0.12 5.49
C LEU A 81 -8.59 -0.29 5.97
N LYS A 82 -9.14 -1.49 5.77
CA LYS A 82 -10.50 -1.78 6.17
C LYS A 82 -10.67 -1.66 7.69
N ARG A 83 -9.66 -2.12 8.41
CA ARG A 83 -9.68 -2.07 9.86
C ARG A 83 -9.54 -0.63 10.35
N ARG A 84 -8.76 0.16 9.63
CA ARG A 84 -8.54 1.56 9.99
C ARG A 84 -9.84 2.34 9.91
N ASN A 85 -10.61 2.10 8.86
CA ASN A 85 -11.88 2.79 8.67
C ASN A 85 -12.93 2.27 9.66
N ALA A 86 -12.82 1.00 10.02
CA ALA A 86 -13.76 0.39 10.96
C ALA A 86 -15.18 0.43 10.43
FE1 SF4 B . 4.85 3.98 -5.41
FE2 SF4 B . 3.65 2.03 -6.87
FE3 SF4 B . 5.68 1.38 -5.20
FE4 SF4 B . 3.21 2.23 -4.13
S1 SF4 B . 3.64 0.36 -5.30
S2 SF4 B . 5.30 2.78 -3.49
S3 SF4 B . 2.62 3.66 -5.73
S4 SF4 B . 5.83 2.71 -7.01
N MET A 11 14.37 7.28 -13.11
CA MET A 11 13.12 7.67 -12.40
C MET A 11 12.39 6.45 -11.85
N ASP A 12 12.58 5.30 -12.49
CA ASP A 12 11.94 4.06 -12.07
C ASP A 12 12.29 3.74 -10.62
N TRP A 13 13.57 3.94 -10.27
CA TRP A 13 14.03 3.68 -8.92
C TRP A 13 13.29 4.56 -7.93
N ARG A 14 12.89 5.75 -8.38
CA ARG A 14 12.17 6.69 -7.52
C ARG A 14 10.75 6.18 -7.24
N HIS A 15 10.08 5.67 -8.27
CA HIS A 15 8.73 5.16 -8.11
C HIS A 15 8.72 3.98 -7.15
N LYS A 16 9.78 3.19 -7.19
CA LYS A 16 9.88 2.05 -6.31
C LYS A 16 10.62 2.47 -5.06
N ALA A 17 11.07 3.72 -5.08
CA ALA A 17 11.76 4.30 -3.93
C ALA A 17 10.73 4.48 -2.84
N VAL A 18 9.57 5.01 -3.24
CA VAL A 18 8.48 5.19 -2.32
C VAL A 18 7.82 3.84 -2.08
N CYS A 19 8.01 2.91 -3.04
CA CYS A 19 7.48 1.54 -2.88
C CYS A 19 7.91 0.98 -1.53
N ARG A 20 9.22 0.71 -1.44
CA ARG A 20 9.81 0.14 -0.22
C ARG A 20 9.85 1.15 0.93
N ASP A 21 9.80 2.43 0.59
CA ASP A 21 9.86 3.49 1.61
C ASP A 21 8.50 3.77 2.23
N GLU A 22 7.51 2.90 1.96
CA GLU A 22 6.19 3.07 2.50
C GLU A 22 6.14 2.52 3.93
N ASP A 23 5.07 1.86 4.33
CA ASP A 23 4.97 1.32 5.69
C ASP A 23 5.15 -0.19 5.68
N PRO A 24 6.13 -0.72 6.43
CA PRO A 24 6.36 -2.16 6.51
C PRO A 24 5.08 -2.89 6.86
N GLU A 25 4.16 -2.16 7.50
CA GLU A 25 2.88 -2.72 7.89
C GLU A 25 2.02 -3.00 6.65
N LEU A 26 2.36 -2.36 5.53
CA LEU A 26 1.61 -2.57 4.29
C LEU A 26 2.05 -3.86 3.61
N PHE A 27 3.24 -4.34 4.00
CA PHE A 27 3.76 -5.59 3.46
C PHE A 27 3.63 -6.70 4.51
N PHE A 28 3.29 -6.31 5.74
CA PHE A 28 3.13 -7.26 6.83
C PHE A 28 1.81 -7.01 7.57
N PRO A 29 0.96 -8.05 7.72
CA PRO A 29 -0.32 -7.91 8.40
C PRO A 29 -0.16 -7.47 9.86
N VAL A 30 -1.00 -6.52 10.27
CA VAL A 30 -0.96 -6.01 11.64
C VAL A 30 -1.31 -7.10 12.65
N GLY A 31 -0.81 -6.95 13.87
CA GLY A 31 -1.09 -7.90 14.90
C GLY A 31 -2.40 -7.59 15.63
N ASN A 32 -2.28 -7.00 16.81
CA ASN A 32 -3.47 -6.65 17.60
C ASN A 32 -3.50 -5.16 17.95
N SER A 33 -2.71 -4.35 17.25
CA SER A 33 -2.67 -2.92 17.54
C SER A 33 -3.52 -2.10 16.59
N GLY A 34 -3.93 -0.93 17.06
CA GLY A 34 -4.71 -0.02 16.25
C GLY A 34 -3.83 0.96 15.51
N PRO A 35 -2.83 1.53 16.19
CA PRO A 35 -1.88 2.46 15.57
C PRO A 35 -1.32 1.89 14.29
N ALA A 36 -1.29 0.56 14.20
CA ALA A 36 -0.75 -0.09 13.01
C ALA A 36 -1.57 0.30 11.80
N LEU A 37 -2.84 0.48 12.02
CA LEU A 37 -3.76 0.87 10.96
C LEU A 37 -3.48 2.29 10.55
N ALA A 38 -3.18 3.12 11.54
CA ALA A 38 -2.85 4.50 11.28
C ALA A 38 -1.51 4.57 10.58
N GLN A 39 -0.63 3.65 10.95
CA GLN A 39 0.70 3.59 10.35
C GLN A 39 0.58 3.12 8.91
N ILE A 40 -0.15 2.03 8.74
CA ILE A 40 -0.43 1.49 7.44
C ILE A 40 -1.19 2.48 6.58
N ALA A 41 -2.13 3.16 7.18
CA ALA A 41 -2.95 4.14 6.49
C ALA A 41 -2.08 5.25 5.93
N ASP A 42 -0.99 5.54 6.61
CA ASP A 42 -0.11 6.61 6.19
C ASP A 42 0.64 6.20 4.94
N ALA A 43 1.09 4.96 4.94
CA ALA A 43 1.81 4.44 3.80
C ALA A 43 0.88 4.29 2.61
N LYS A 44 -0.36 3.91 2.88
CA LYS A 44 -1.35 3.73 1.83
C LYS A 44 -1.61 5.05 1.12
N LEU A 45 -1.64 6.14 1.89
CA LEU A 45 -1.87 7.46 1.32
C LEU A 45 -0.68 7.87 0.46
N VAL A 46 0.51 7.63 0.96
CA VAL A 46 1.73 7.95 0.24
C VAL A 46 1.87 7.09 -1.02
N CYS A 47 1.55 5.80 -0.88
CA CYS A 47 1.64 4.87 -2.00
C CYS A 47 0.65 5.28 -3.10
N ASN A 48 -0.48 5.84 -2.68
CA ASN A 48 -1.50 6.27 -3.63
C ASN A 48 -1.16 7.63 -4.22
N ARG A 49 -0.45 8.46 -3.45
CA ARG A 49 -0.08 9.80 -3.92
C ARG A 49 1.33 9.80 -4.52
N CYS A 50 2.03 8.66 -4.44
CA CYS A 50 3.37 8.54 -4.99
C CYS A 50 3.30 8.40 -6.50
N PRO A 51 4.36 8.84 -7.22
CA PRO A 51 4.42 8.75 -8.68
C PRO A 51 3.83 7.45 -9.22
N VAL A 52 2.66 7.55 -9.83
CA VAL A 52 1.98 6.38 -10.40
C VAL A 52 2.78 5.76 -11.52
N THR A 53 2.84 4.42 -11.52
CA THR A 53 3.60 3.70 -12.55
C THR A 53 2.82 2.52 -13.11
N THR A 54 3.31 2.03 -14.25
CA THR A 54 2.73 0.87 -14.89
C THR A 54 2.75 -0.30 -13.93
N GLU A 55 3.70 -0.27 -12.99
CA GLU A 55 3.83 -1.34 -12.01
C GLU A 55 2.55 -1.47 -11.19
N CYS A 56 2.04 -0.33 -10.73
CA CYS A 56 0.82 -0.30 -9.92
C CYS A 56 -0.41 -0.65 -10.75
N LEU A 57 -0.53 -0.05 -11.94
CA LEU A 57 -1.69 -0.32 -12.80
C LEU A 57 -1.68 -1.74 -13.34
N SER A 58 -0.53 -2.16 -13.85
CA SER A 58 -0.39 -3.50 -14.43
C SER A 58 -0.66 -4.59 -13.41
N TRP A 59 -0.19 -4.38 -12.18
CA TRP A 59 -0.39 -5.36 -11.13
C TRP A 59 -1.85 -5.45 -10.74
N ALA A 60 -2.49 -4.30 -10.56
CA ALA A 60 -3.90 -4.26 -10.19
C ALA A 60 -4.77 -4.89 -11.27
N LEU A 61 -4.41 -4.64 -12.53
CA LEU A 61 -5.16 -5.19 -13.66
C LEU A 61 -4.97 -6.69 -13.77
N ASN A 62 -3.78 -7.15 -13.39
CA ASN A 62 -3.47 -8.58 -13.47
C ASN A 62 -4.25 -9.37 -12.43
N THR A 63 -4.48 -8.75 -11.28
CA THR A 63 -5.22 -9.41 -10.19
C THR A 63 -6.63 -8.85 -10.07
N GLY A 64 -6.94 -7.84 -10.89
CA GLY A 64 -8.27 -7.25 -10.85
C GLY A 64 -8.58 -6.59 -9.52
N GLN A 65 -7.54 -6.19 -8.80
CA GLN A 65 -7.72 -5.56 -7.50
C GLN A 65 -7.27 -4.10 -7.52
N ASP A 66 -7.98 -3.25 -6.79
CA ASP A 66 -7.64 -1.83 -6.72
C ASP A 66 -6.23 -1.63 -6.17
N SER A 67 -5.72 -2.65 -5.48
CA SER A 67 -4.38 -2.58 -4.90
C SER A 67 -3.60 -3.85 -5.22
N GLY A 68 -2.29 -3.71 -5.39
CA GLY A 68 -1.45 -4.85 -5.70
C GLY A 68 -0.36 -5.08 -4.66
N VAL A 69 0.15 -6.30 -4.61
CA VAL A 69 1.19 -6.65 -3.66
C VAL A 69 2.46 -5.83 -3.91
N TRP A 70 3.00 -5.94 -5.12
CA TRP A 70 4.21 -5.20 -5.47
C TRP A 70 3.87 -3.78 -5.91
N GLY A 71 3.05 -3.66 -6.95
CA GLY A 71 2.66 -2.35 -7.44
C GLY A 71 1.97 -1.53 -6.36
N GLY A 72 0.65 -1.62 -6.30
CA GLY A 72 -0.08 -0.87 -5.29
C GLY A 72 0.21 -1.35 -3.89
N MET A 73 -0.80 -1.86 -3.20
CA MET A 73 -0.62 -2.36 -1.84
C MET A 73 -1.38 -3.67 -1.63
N SER A 74 -1.08 -4.37 -0.55
CA SER A 74 -1.69 -5.65 -0.25
C SER A 74 -3.05 -5.49 0.43
N GLU A 75 -3.79 -6.59 0.44
CA GLU A 75 -5.11 -6.63 1.05
C GLU A 75 -5.01 -6.43 2.56
N ASP A 76 -3.90 -6.89 3.14
CA ASP A 76 -3.67 -6.76 4.58
C ASP A 76 -3.65 -5.30 4.99
N GLU A 77 -2.97 -4.49 4.19
CA GLU A 77 -2.88 -3.06 4.48
C GLU A 77 -4.25 -2.43 4.28
N ARG A 78 -4.97 -2.89 3.26
CA ARG A 78 -6.31 -2.38 2.98
C ARG A 78 -7.20 -2.65 4.19
N ARG A 79 -6.98 -3.78 4.84
CA ARG A 79 -7.74 -4.17 6.02
C ARG A 79 -7.42 -3.21 7.17
N ALA A 80 -6.15 -2.81 7.25
CA ALA A 80 -5.71 -1.90 8.30
C ALA A 80 -6.46 -0.58 8.23
N LEU A 81 -6.63 -0.09 7.01
CA LEU A 81 -7.34 1.17 6.78
C LEU A 81 -8.82 1.01 7.08
N LYS A 82 -9.40 -0.07 6.56
CA LYS A 82 -10.83 -0.33 6.77
C LYS A 82 -11.12 -0.59 8.24
N ARG A 83 -10.14 -1.16 8.93
CA ARG A 83 -10.28 -1.46 10.35
C ARG A 83 -10.27 -0.19 11.18
N ARG A 84 -9.50 0.81 10.73
CA ARG A 84 -9.42 2.08 11.44
C ARG A 84 -10.70 2.87 11.28
N ASN A 85 -11.23 2.89 10.06
CA ASN A 85 -12.46 3.62 9.77
C ASN A 85 -13.67 2.91 10.38
N ALA A 86 -13.66 1.58 10.32
CA ALA A 86 -14.76 0.79 10.87
C ALA A 86 -16.07 1.11 10.18
FE1 SF4 B . 4.51 4.20 -5.63
FE2 SF4 B . 3.30 2.36 -7.23
FE3 SF4 B . 5.39 1.61 -5.66
FE4 SF4 B . 2.94 2.32 -4.46
S1 SF4 B . 3.37 0.56 -5.79
S2 SF4 B . 5.03 2.85 -3.83
S3 SF4 B . 2.27 3.88 -5.91
S4 SF4 B . 5.46 3.09 -7.36
N MET A 11 14.08 7.48 -12.88
CA MET A 11 12.76 7.73 -12.25
C MET A 11 12.17 6.43 -11.69
N ASP A 12 12.51 5.31 -12.30
CA ASP A 12 12.01 4.01 -11.87
C ASP A 12 12.39 3.73 -10.42
N TRP A 13 13.67 3.98 -10.09
CA TRP A 13 14.16 3.75 -8.74
C TRP A 13 13.41 4.62 -7.73
N ARG A 14 12.95 5.79 -8.18
CA ARG A 14 12.21 6.71 -7.32
C ARG A 14 10.84 6.14 -6.99
N HIS A 15 10.21 5.55 -8.01
CA HIS A 15 8.88 4.96 -7.84
C HIS A 15 8.95 3.80 -6.85
N LYS A 16 10.06 3.08 -6.88
CA LYS A 16 10.24 1.97 -5.97
C LYS A 16 10.95 2.47 -4.72
N ALA A 17 11.33 3.75 -4.77
CA ALA A 17 11.96 4.39 -3.64
C ALA A 17 10.92 4.56 -2.55
N VAL A 18 9.75 5.03 -2.97
CA VAL A 18 8.66 5.20 -2.04
C VAL A 18 8.07 3.82 -1.75
N CYS A 19 8.30 2.88 -2.67
CA CYS A 19 7.85 1.50 -2.46
C CYS A 19 8.35 0.98 -1.13
N ARG A 20 9.66 0.74 -1.07
CA ARG A 20 10.32 0.23 0.13
C ARG A 20 10.26 1.23 1.29
N ASP A 21 10.08 2.50 0.95
CA ASP A 21 10.02 3.56 1.95
C ASP A 21 8.61 3.69 2.56
N GLU A 22 7.74 2.72 2.28
CA GLU A 22 6.39 2.75 2.79
C GLU A 22 6.36 2.21 4.24
N ASP A 23 5.32 1.49 4.60
CA ASP A 23 5.18 0.95 5.96
C ASP A 23 5.30 -0.57 5.94
N PRO A 24 6.24 -1.13 6.71
CA PRO A 24 6.43 -2.58 6.77
C PRO A 24 5.12 -3.32 7.05
N GLU A 25 4.18 -2.61 7.67
CA GLU A 25 2.88 -3.19 7.98
C GLU A 25 2.05 -3.37 6.71
N LEU A 26 2.39 -2.64 5.66
CA LEU A 26 1.68 -2.74 4.39
C LEU A 26 1.98 -4.07 3.69
N PHE A 27 3.02 -4.74 4.18
CA PHE A 27 3.41 -6.04 3.64
C PHE A 27 2.99 -7.16 4.59
N PHE A 28 2.55 -6.77 5.80
CA PHE A 28 2.12 -7.74 6.81
C PHE A 28 0.77 -7.33 7.40
N PRO A 29 -0.25 -8.21 7.31
CA PRO A 29 -1.58 -7.92 7.85
C PRO A 29 -1.56 -7.67 9.35
N VAL A 30 -2.27 -6.63 9.80
CA VAL A 30 -2.34 -6.28 11.21
C VAL A 30 -3.36 -7.16 11.93
N GLY A 31 -3.15 -7.34 13.23
CA GLY A 31 -4.06 -8.14 14.02
C GLY A 31 -3.68 -8.20 15.50
N ASN A 32 -2.53 -7.62 15.85
CA ASN A 32 -2.09 -7.62 17.24
C ASN A 32 -1.85 -6.21 17.77
N SER A 33 -1.79 -5.22 16.88
CA SER A 33 -1.56 -3.84 17.32
C SER A 33 -2.45 -2.84 16.59
N GLY A 34 -2.67 -1.71 17.26
CA GLY A 34 -3.46 -0.64 16.67
C GLY A 34 -2.59 0.31 15.88
N PRO A 35 -1.43 0.70 16.43
CA PRO A 35 -0.49 1.59 15.75
C PRO A 35 -0.19 1.11 14.35
N ALA A 36 -0.34 -0.19 14.14
CA ALA A 36 -0.06 -0.76 12.82
C ALA A 36 -0.96 -0.13 11.78
N LEU A 37 -2.17 0.19 12.19
CA LEU A 37 -3.13 0.81 11.30
C LEU A 37 -2.69 2.23 10.98
N ALA A 38 -2.20 2.92 11.99
CA ALA A 38 -1.73 4.27 11.81
C ALA A 38 -0.45 4.25 10.98
N GLN A 39 0.34 3.22 11.21
CA GLN A 39 1.60 3.06 10.49
C GLN A 39 1.30 2.72 9.04
N ILE A 40 0.42 1.74 8.88
CA ILE A 40 -0.03 1.32 7.59
C ILE A 40 -0.71 2.45 6.84
N ALA A 41 -1.51 3.20 7.56
CA ALA A 41 -2.25 4.31 7.01
C ALA A 41 -1.30 5.35 6.42
N ASP A 42 -0.13 5.46 7.02
CA ASP A 42 0.83 6.45 6.57
C ASP A 42 1.42 6.02 5.25
N ALA A 43 1.75 4.75 5.18
CA ALA A 43 2.33 4.21 3.96
C ALA A 43 1.29 4.16 2.84
N LYS A 44 0.04 3.87 3.20
CA LYS A 44 -1.02 3.79 2.20
C LYS A 44 -1.29 5.17 1.58
N LEU A 45 -1.17 6.24 2.37
CA LEU A 45 -1.39 7.58 1.84
C LEU A 45 -0.23 7.99 0.94
N VAL A 46 0.97 7.65 1.39
CA VAL A 46 2.18 7.95 0.63
C VAL A 46 2.25 7.10 -0.64
N CYS A 47 2.00 5.81 -0.50
CA CYS A 47 2.03 4.88 -1.64
C CYS A 47 0.99 5.27 -2.68
N ASN A 48 -0.07 5.94 -2.23
CA ASN A 48 -1.14 6.37 -3.13
C ASN A 48 -0.78 7.64 -3.87
N ARG A 49 0.04 8.49 -3.24
CA ARG A 49 0.44 9.76 -3.87
C ARG A 49 1.75 9.60 -4.65
N CYS A 50 2.39 8.44 -4.52
CA CYS A 50 3.62 8.17 -5.24
C CYS A 50 3.31 7.85 -6.70
N PRO A 51 4.12 8.37 -7.64
CA PRO A 51 3.91 8.16 -9.08
C PRO A 51 3.55 6.70 -9.41
N VAL A 52 2.38 6.50 -10.00
CA VAL A 52 1.92 5.17 -10.38
C VAL A 52 2.80 4.58 -11.48
N THR A 53 3.11 3.30 -11.36
CA THR A 53 3.95 2.62 -12.33
C THR A 53 3.39 1.26 -12.74
N THR A 54 3.95 0.74 -13.82
CA THR A 54 3.56 -0.57 -14.32
C THR A 54 3.73 -1.60 -13.21
N GLU A 55 4.65 -1.32 -12.28
CA GLU A 55 4.92 -2.21 -11.17
C GLU A 55 3.65 -2.43 -10.34
N CYS A 56 2.96 -1.34 -10.04
CA CYS A 56 1.73 -1.42 -9.25
C CYS A 56 0.61 -2.07 -10.05
N LEU A 57 0.46 -1.65 -11.31
CA LEU A 57 -0.59 -2.21 -12.17
C LEU A 57 -0.36 -3.70 -12.39
N SER A 58 0.88 -4.04 -12.73
CA SER A 58 1.25 -5.43 -12.98
C SER A 58 1.03 -6.27 -11.73
N TRP A 59 1.31 -5.67 -10.59
CA TRP A 59 1.16 -6.35 -9.31
C TRP A 59 -0.30 -6.77 -9.12
N ALA A 60 -1.22 -5.86 -9.42
CA ALA A 60 -2.63 -6.13 -9.31
C ALA A 60 -3.04 -7.28 -10.25
N LEU A 61 -2.43 -7.29 -11.43
CA LEU A 61 -2.71 -8.32 -12.42
C LEU A 61 -2.22 -9.68 -11.96
N ASN A 62 -1.05 -9.69 -11.33
CA ASN A 62 -0.45 -10.92 -10.82
C ASN A 62 -1.22 -11.44 -9.62
N THR A 63 -1.88 -10.55 -8.91
CA THR A 63 -2.65 -10.91 -7.72
C THR A 63 -4.14 -10.94 -8.02
N GLY A 64 -4.51 -10.57 -9.25
CA GLY A 64 -5.90 -10.56 -9.64
C GLY A 64 -6.74 -9.56 -8.85
N GLN A 65 -6.11 -8.46 -8.44
CA GLN A 65 -6.82 -7.44 -7.67
C GLN A 65 -7.32 -6.33 -8.59
N ASP A 66 -8.59 -5.98 -8.43
CA ASP A 66 -9.20 -4.93 -9.24
C ASP A 66 -8.53 -3.59 -8.96
N SER A 67 -7.66 -3.17 -9.89
CA SER A 67 -6.96 -1.90 -9.74
C SER A 67 -7.29 -0.94 -10.88
N GLY A 68 -7.07 0.34 -10.63
CA GLY A 68 -7.35 1.36 -11.63
C GLY A 68 -6.73 2.70 -11.28
N VAL A 69 -6.82 3.06 -10.01
CA VAL A 69 -6.26 4.32 -9.52
C VAL A 69 -4.74 4.31 -9.60
N TRP A 70 -4.12 5.47 -9.48
CA TRP A 70 -2.66 5.58 -9.54
C TRP A 70 -2.04 5.24 -8.20
N GLY A 71 -1.41 4.07 -8.12
CA GLY A 71 -0.78 3.63 -6.91
C GLY A 71 -0.71 2.12 -6.82
N GLY A 72 -0.54 1.59 -5.61
CA GLY A 72 -0.48 0.14 -5.44
C GLY A 72 -0.66 -0.28 -3.99
N MET A 73 -1.89 -0.67 -3.65
CA MET A 73 -2.19 -1.09 -2.28
C MET A 73 -2.80 -2.49 -2.27
N SER A 74 -2.36 -3.32 -1.34
CA SER A 74 -2.85 -4.68 -1.21
C SER A 74 -4.15 -4.73 -0.42
N GLU A 75 -4.82 -5.87 -0.50
CA GLU A 75 -6.08 -6.07 0.21
C GLU A 75 -5.87 -6.00 1.71
N ASP A 76 -4.75 -6.54 2.17
CA ASP A 76 -4.42 -6.53 3.59
C ASP A 76 -4.28 -5.10 4.08
N GLU A 77 -3.72 -4.26 3.22
CA GLU A 77 -3.56 -2.85 3.53
C GLU A 77 -4.93 -2.20 3.69
N ARG A 78 -5.86 -2.61 2.84
CA ARG A 78 -7.22 -2.10 2.91
C ARG A 78 -7.84 -2.41 4.26
N ARG A 79 -7.50 -3.57 4.80
CA ARG A 79 -7.99 -3.97 6.10
C ARG A 79 -7.42 -3.07 7.19
N ALA A 80 -6.16 -2.70 7.02
CA ALA A 80 -5.47 -1.84 7.97
C ALA A 80 -6.16 -0.49 8.09
N LEU A 81 -6.57 0.06 6.95
CA LEU A 81 -7.24 1.35 6.93
C LEU A 81 -8.64 1.25 7.52
N LYS A 82 -9.32 0.14 7.26
CA LYS A 82 -10.66 -0.08 7.78
C LYS A 82 -10.63 -0.13 9.30
N ARG A 83 -9.56 -0.69 9.83
CA ARG A 83 -9.38 -0.81 11.27
C ARG A 83 -9.09 0.56 11.87
N ARG A 84 -8.38 1.39 11.11
CA ARG A 84 -8.05 2.74 11.57
C ARG A 84 -9.30 3.58 11.76
N ASN A 85 -10.23 3.46 10.81
CA ASN A 85 -11.48 4.22 10.87
C ASN A 85 -12.39 3.65 11.96
N ALA A 86 -12.29 2.35 12.18
CA ALA A 86 -13.12 1.68 13.19
C ALA A 86 -14.60 1.84 12.88
FE1 SF4 B . 4.82 3.81 -5.51
FE2 SF4 B . 3.64 1.77 -6.85
FE3 SF4 B . 5.70 1.24 -5.18
FE4 SF4 B . 3.23 2.09 -4.11
S1 SF4 B . 3.68 0.18 -5.19
S2 SF4 B . 5.32 2.71 -3.53
S3 SF4 B . 2.59 3.45 -5.76
S4 SF4 B . 5.79 2.48 -7.05
N MET A 11 13.75 7.80 -12.57
CA MET A 11 12.28 7.70 -12.41
C MET A 11 11.86 6.35 -11.87
N ASP A 12 12.46 5.29 -12.40
CA ASP A 12 12.15 3.93 -11.95
C ASP A 12 12.57 3.72 -10.51
N TRP A 13 13.81 4.09 -10.20
CA TRP A 13 14.34 3.94 -8.85
C TRP A 13 13.54 4.80 -7.86
N ARG A 14 13.05 5.94 -8.34
CA ARG A 14 12.27 6.84 -7.49
C ARG A 14 10.92 6.24 -7.19
N HIS A 15 10.31 5.59 -8.18
CA HIS A 15 9.01 4.97 -8.01
C HIS A 15 9.10 3.85 -6.96
N LYS A 16 10.22 3.16 -6.96
CA LYS A 16 10.41 2.09 -6.01
C LYS A 16 11.11 2.66 -4.78
N ALA A 17 11.47 3.94 -4.87
CA ALA A 17 12.10 4.63 -3.77
C ALA A 17 11.05 4.83 -2.70
N VAL A 18 9.88 5.28 -3.13
CA VAL A 18 8.79 5.47 -2.21
C VAL A 18 8.23 4.10 -1.84
N CYS A 19 8.45 3.11 -2.74
CA CYS A 19 8.03 1.74 -2.44
C CYS A 19 8.60 1.33 -1.09
N ARG A 20 9.91 1.47 -0.98
CA ARG A 20 10.63 1.13 0.24
C ARG A 20 10.31 2.12 1.37
N ASP A 21 9.86 3.31 0.98
CA ASP A 21 9.52 4.35 1.95
C ASP A 21 8.11 4.15 2.51
N GLU A 22 7.49 3.01 2.21
CA GLU A 22 6.15 2.72 2.68
C GLU A 22 6.21 2.19 4.12
N ASP A 23 5.19 1.45 4.50
CA ASP A 23 5.12 0.89 5.85
C ASP A 23 5.25 -0.62 5.80
N PRO A 24 6.22 -1.20 6.55
CA PRO A 24 6.41 -2.65 6.57
C PRO A 24 5.12 -3.38 6.87
N GLU A 25 4.19 -2.68 7.52
CA GLU A 25 2.90 -3.25 7.85
C GLU A 25 2.07 -3.46 6.59
N LEU A 26 2.43 -2.77 5.51
CA LEU A 26 1.72 -2.91 4.23
C LEU A 26 2.08 -4.23 3.55
N PHE A 27 3.16 -4.85 4.03
CA PHE A 27 3.60 -6.13 3.50
C PHE A 27 3.21 -7.25 4.46
N PHE A 28 2.76 -6.87 5.65
CA PHE A 28 2.35 -7.85 6.66
C PHE A 28 0.98 -7.49 7.24
N PRO A 29 -0.02 -8.38 7.10
CA PRO A 29 -1.37 -8.14 7.61
C PRO A 29 -1.39 -7.93 9.13
N VAL A 30 -2.12 -6.92 9.58
CA VAL A 30 -2.23 -6.61 10.99
C VAL A 30 -3.23 -7.53 11.69
N GLY A 31 -3.03 -7.73 12.98
CA GLY A 31 -3.91 -8.58 13.75
C GLY A 31 -3.59 -8.59 15.24
N ASN A 32 -2.51 -7.94 15.64
CA ASN A 32 -2.12 -7.90 17.04
C ASN A 32 -2.01 -6.47 17.58
N SER A 33 -1.98 -5.48 16.68
CA SER A 33 -1.87 -4.09 17.12
C SER A 33 -2.79 -3.15 16.34
N GLY A 34 -3.12 -2.03 16.97
CA GLY A 34 -3.95 -1.03 16.33
C GLY A 34 -3.10 -0.01 15.58
N PRO A 35 -2.00 0.45 16.19
CA PRO A 35 -1.09 1.39 15.56
C PRO A 35 -0.67 0.92 14.18
N ALA A 36 -0.71 -0.39 13.97
CA ALA A 36 -0.32 -0.95 12.68
C ALA A 36 -1.20 -0.40 11.59
N LEU A 37 -2.45 -0.17 11.92
CA LEU A 37 -3.40 0.39 10.97
C LEU A 37 -3.04 1.82 10.65
N ALA A 38 -2.66 2.56 11.68
CA ALA A 38 -2.27 3.95 11.50
C ALA A 38 -0.95 4.00 10.75
N GLN A 39 -0.11 3.01 11.02
CA GLN A 39 1.19 2.93 10.37
C GLN A 39 0.98 2.58 8.91
N ILE A 40 0.17 1.56 8.71
CA ILE A 40 -0.18 1.10 7.39
C ILE A 40 -0.89 2.20 6.59
N ALA A 41 -1.80 2.87 7.24
CA ALA A 41 -2.57 3.92 6.61
C ALA A 41 -1.66 5.04 6.12
N ASP A 42 -0.54 5.21 6.81
CA ASP A 42 0.39 6.28 6.47
C ASP A 42 1.11 5.93 5.20
N ALA A 43 1.53 4.68 5.12
CA ALA A 43 2.23 4.22 3.94
C ALA A 43 1.29 4.18 2.74
N LYS A 44 0.03 3.84 3.00
CA LYS A 44 -0.95 3.79 1.93
C LYS A 44 -1.13 5.17 1.31
N LEU A 45 -1.17 6.20 2.16
CA LEU A 45 -1.32 7.57 1.66
C LEU A 45 -0.12 7.95 0.80
N VAL A 46 1.07 7.58 1.29
CA VAL A 46 2.30 7.88 0.56
C VAL A 46 2.40 7.03 -0.72
N CYS A 47 1.85 5.82 -0.67
CA CYS A 47 1.87 4.92 -1.82
C CYS A 47 0.81 5.33 -2.85
N ASN A 48 -0.21 6.05 -2.39
CA ASN A 48 -1.28 6.49 -3.27
C ASN A 48 -0.89 7.75 -4.06
N ARG A 49 -0.04 8.59 -3.49
CA ARG A 49 0.38 9.81 -4.18
C ARG A 49 1.71 9.63 -4.89
N CYS A 50 2.36 8.48 -4.67
CA CYS A 50 3.62 8.18 -5.34
C CYS A 50 3.37 7.77 -6.79
N PRO A 51 4.29 8.12 -7.71
CA PRO A 51 4.16 7.78 -9.13
C PRO A 51 3.63 6.37 -9.37
N VAL A 52 3.06 6.16 -10.55
CA VAL A 52 2.50 4.87 -10.92
C VAL A 52 3.39 4.14 -11.92
N THR A 53 3.63 2.86 -11.67
CA THR A 53 4.47 2.05 -12.53
C THR A 53 3.85 0.70 -12.82
N THR A 54 4.45 -0.01 -13.77
CA THR A 54 3.99 -1.35 -14.11
C THR A 54 4.00 -2.23 -12.87
N GLU A 55 4.88 -1.90 -11.92
CA GLU A 55 4.98 -2.66 -10.69
C GLU A 55 3.66 -2.59 -9.91
N CYS A 56 3.07 -1.40 -9.86
CA CYS A 56 1.81 -1.20 -9.15
C CYS A 56 0.68 -1.90 -9.87
N LEU A 57 0.63 -1.76 -11.19
CA LEU A 57 -0.42 -2.40 -11.98
C LEU A 57 -0.28 -3.92 -11.90
N SER A 58 0.94 -4.39 -12.10
CA SER A 58 1.23 -5.81 -12.04
C SER A 58 0.88 -6.36 -10.67
N TRP A 59 1.09 -5.54 -9.66
CA TRP A 59 0.78 -5.92 -8.28
C TRP A 59 -0.71 -6.20 -8.16
N ALA A 60 -1.50 -5.35 -8.80
CA ALA A 60 -2.96 -5.52 -8.79
C ALA A 60 -3.34 -6.84 -9.42
N LEU A 61 -2.66 -7.20 -10.50
CA LEU A 61 -2.93 -8.46 -11.17
C LEU A 61 -2.48 -9.63 -10.32
N ASN A 62 -1.39 -9.42 -9.60
CA ASN A 62 -0.83 -10.45 -8.72
C ASN A 62 -1.72 -10.67 -7.51
N THR A 63 -2.40 -9.62 -7.09
CA THR A 63 -3.28 -9.69 -5.93
C THR A 63 -4.75 -9.80 -6.34
N GLY A 64 -4.99 -9.74 -7.65
CA GLY A 64 -6.35 -9.84 -8.16
C GLY A 64 -7.19 -8.62 -7.86
N GLN A 65 -6.58 -7.44 -7.90
CA GLN A 65 -7.30 -6.20 -7.64
C GLN A 65 -7.85 -5.62 -8.93
N ASP A 66 -9.14 -5.27 -8.91
CA ASP A 66 -9.80 -4.71 -10.09
C ASP A 66 -9.25 -3.33 -10.42
N SER A 67 -9.70 -2.33 -9.67
CA SER A 67 -9.26 -0.96 -9.87
C SER A 67 -9.42 -0.14 -8.59
N GLY A 68 -8.53 0.83 -8.40
CA GLY A 68 -8.59 1.67 -7.22
C GLY A 68 -7.72 2.90 -7.36
N VAL A 69 -7.18 3.38 -6.23
CA VAL A 69 -6.33 4.55 -6.22
C VAL A 69 -5.08 4.32 -7.07
N TRP A 70 -4.48 5.41 -7.53
CA TRP A 70 -3.27 5.32 -8.34
C TRP A 70 -2.03 5.17 -7.47
N GLY A 71 -1.45 3.98 -7.47
CA GLY A 71 -0.26 3.73 -6.67
C GLY A 71 -0.01 2.26 -6.46
N GLY A 72 -1.07 1.47 -6.36
CA GLY A 72 -0.95 0.04 -6.16
C GLY A 72 -0.70 -0.32 -4.70
N MET A 73 -1.66 -1.00 -4.10
CA MET A 73 -1.56 -1.41 -2.71
C MET A 73 -2.15 -2.81 -2.52
N SER A 74 -1.76 -3.47 -1.43
CA SER A 74 -2.24 -4.81 -1.13
C SER A 74 -3.60 -4.78 -0.46
N GLU A 75 -4.33 -5.87 -0.64
CA GLU A 75 -5.65 -6.02 -0.05
C GLU A 75 -5.56 -5.98 1.47
N ASP A 76 -4.49 -6.57 2.01
CA ASP A 76 -4.27 -6.59 3.44
C ASP A 76 -4.12 -5.17 3.95
N GLU A 77 -3.52 -4.33 3.13
CA GLU A 77 -3.31 -2.93 3.47
C GLU A 77 -4.67 -2.24 3.57
N ARG A 78 -5.56 -2.59 2.65
CA ARG A 78 -6.90 -2.01 2.64
C ARG A 78 -7.63 -2.34 3.94
N ARG A 79 -7.39 -3.54 4.44
CA ARG A 79 -8.01 -3.98 5.68
C ARG A 79 -7.48 -3.17 6.86
N ALA A 80 -6.18 -2.87 6.81
CA ALA A 80 -5.52 -2.10 7.86
C ALA A 80 -6.14 -0.71 7.99
N LEU A 81 -6.41 -0.09 6.85
CA LEU A 81 -7.00 1.24 6.82
C LEU A 81 -8.45 1.21 7.25
N LYS A 82 -9.19 0.21 6.78
CA LYS A 82 -10.60 0.07 7.13
C LYS A 82 -10.75 -0.15 8.63
N ARG A 83 -9.77 -0.83 9.21
CA ARG A 83 -9.77 -1.09 10.64
C ARG A 83 -9.48 0.20 11.41
N ARG A 84 -8.65 1.06 10.83
CA ARG A 84 -8.31 2.33 11.45
C ARG A 84 -9.55 3.22 11.58
N ASN A 85 -10.35 3.25 10.51
CA ASN A 85 -11.56 4.05 10.51
C ASN A 85 -12.63 3.45 11.41
N ALA A 86 -12.70 2.12 11.41
CA ALA A 86 -13.68 1.41 12.23
C ALA A 86 -13.09 1.03 13.58
FE1 SF4 B . 4.96 3.91 -5.47
FE2 SF4 B . 3.89 1.87 -6.91
FE3 SF4 B . 5.86 1.34 -5.10
FE4 SF4 B . 3.31 2.15 -4.20
S1 SF4 B . 3.85 0.26 -5.27
S2 SF4 B . 5.35 2.79 -3.47
S3 SF4 B . 2.76 3.52 -5.87
S4 SF4 B . 6.06 2.61 -6.95
N MET A 11 14.30 6.46 -13.15
CA MET A 11 13.09 6.82 -12.38
C MET A 11 12.51 5.61 -11.64
N ASP A 12 12.82 4.41 -12.13
CA ASP A 12 12.33 3.19 -11.50
C ASP A 12 12.78 3.11 -10.05
N TRP A 13 13.95 3.66 -9.76
CA TRP A 13 14.48 3.65 -8.40
C TRP A 13 13.60 4.49 -7.48
N ARG A 14 13.11 5.61 -8.00
CA ARG A 14 12.25 6.50 -7.23
C ARG A 14 10.90 5.83 -6.95
N HIS A 15 10.38 5.13 -7.95
CA HIS A 15 9.09 4.46 -7.80
C HIS A 15 9.17 3.39 -6.72
N LYS A 16 10.32 2.74 -6.63
CA LYS A 16 10.51 1.72 -5.63
C LYS A 16 11.12 2.36 -4.40
N ALA A 17 11.43 3.65 -4.52
CA ALA A 17 11.99 4.40 -3.42
C ALA A 17 10.92 4.59 -2.39
N VAL A 18 9.73 4.98 -2.87
CA VAL A 18 8.61 5.14 -1.99
C VAL A 18 8.01 3.77 -1.70
N CYS A 19 8.29 2.79 -2.56
CA CYS A 19 7.83 1.42 -2.33
C CYS A 19 8.27 0.96 -0.94
N ARG A 20 9.57 0.80 -0.80
CA ARG A 20 10.19 0.36 0.45
C ARG A 20 10.10 1.42 1.55
N ASP A 21 9.97 2.67 1.14
CA ASP A 21 9.89 3.78 2.10
C ASP A 21 8.47 3.96 2.64
N GLU A 22 7.59 3.01 2.35
CA GLU A 22 6.22 3.08 2.81
C GLU A 22 6.14 2.56 4.25
N ASP A 23 5.09 1.83 4.61
CA ASP A 23 4.96 1.31 5.98
C ASP A 23 5.14 -0.20 5.99
N PRO A 24 6.12 -0.72 6.77
CA PRO A 24 6.34 -2.15 6.87
C PRO A 24 5.06 -2.89 7.22
N GLU A 25 4.14 -2.15 7.84
CA GLU A 25 2.86 -2.70 8.23
C GLU A 25 1.99 -2.96 7.00
N LEU A 26 2.30 -2.29 5.89
CA LEU A 26 1.55 -2.47 4.64
C LEU A 26 1.81 -3.84 4.03
N PHE A 27 2.82 -4.52 4.56
CA PHE A 27 3.16 -5.86 4.10
C PHE A 27 2.68 -6.90 5.10
N PHE A 28 2.25 -6.43 6.28
CA PHE A 28 1.75 -7.32 7.33
C PHE A 28 0.42 -6.83 7.89
N PRO A 29 -0.64 -7.66 7.81
CA PRO A 29 -1.97 -7.28 8.31
C PRO A 29 -1.97 -7.01 9.82
N VAL A 30 -2.75 -6.02 10.23
CA VAL A 30 -2.85 -5.66 11.64
C VAL A 30 -3.56 -6.74 12.44
N GLY A 31 -3.27 -6.80 13.72
CA GLY A 31 -3.88 -7.80 14.58
C GLY A 31 -3.39 -7.73 16.02
N ASN A 32 -2.27 -7.05 16.25
CA ASN A 32 -1.72 -6.93 17.59
C ASN A 32 -1.56 -5.48 18.04
N SER A 33 -1.66 -4.53 17.11
CA SER A 33 -1.51 -3.13 17.49
C SER A 33 -2.47 -2.20 16.76
N GLY A 34 -2.74 -1.06 17.38
CA GLY A 34 -3.62 -0.06 16.78
C GLY A 34 -2.82 0.93 15.95
N PRO A 35 -1.67 1.39 16.46
CA PRO A 35 -0.78 2.31 15.73
C PRO A 35 -0.51 1.80 14.33
N ALA A 36 -0.59 0.49 14.16
CA ALA A 36 -0.33 -0.11 12.86
C ALA A 36 -1.28 0.46 11.84
N LEU A 37 -2.49 0.76 12.26
CA LEU A 37 -3.47 1.34 11.37
C LEU A 37 -3.04 2.74 10.95
N ALA A 38 -2.53 3.49 11.91
CA ALA A 38 -2.06 4.83 11.63
C ALA A 38 -0.79 4.77 10.80
N GLN A 39 0.03 3.78 11.09
CA GLN A 39 1.29 3.60 10.38
C GLN A 39 1.00 3.17 8.95
N ILE A 40 0.15 2.17 8.87
CA ILE A 40 -0.29 1.63 7.61
C ILE A 40 -1.05 2.68 6.79
N ALA A 41 -1.88 3.44 7.47
CA ALA A 41 -2.67 4.47 6.83
C ALA A 41 -1.77 5.50 6.17
N ASP A 42 -0.60 5.70 6.76
CA ASP A 42 0.33 6.69 6.27
C ASP A 42 0.95 6.22 4.98
N ALA A 43 1.34 4.96 4.99
CA ALA A 43 1.95 4.37 3.81
C ALA A 43 0.89 4.22 2.72
N LYS A 44 -0.34 3.94 3.13
CA LYS A 44 -1.43 3.78 2.19
C LYS A 44 -1.66 5.08 1.41
N LEU A 45 -1.53 6.21 2.09
CA LEU A 45 -1.73 7.51 1.46
C LEU A 45 -0.57 7.84 0.52
N VAL A 46 0.65 7.59 0.99
CA VAL A 46 1.85 7.86 0.20
C VAL A 46 1.96 6.90 -0.98
N CYS A 47 1.71 5.62 -0.73
CA CYS A 47 1.78 4.60 -1.77
C CYS A 47 0.76 4.87 -2.86
N ASN A 48 -0.39 5.42 -2.46
CA ASN A 48 -1.45 5.74 -3.41
C ASN A 48 -1.19 7.06 -4.13
N ARG A 49 -0.51 7.97 -3.46
CA ARG A 49 -0.20 9.28 -4.06
C ARG A 49 1.19 9.29 -4.68
N CYS A 50 1.94 8.21 -4.49
CA CYS A 50 3.29 8.10 -5.07
C CYS A 50 3.19 7.79 -6.56
N PRO A 51 4.17 8.25 -7.36
CA PRO A 51 4.20 8.03 -8.80
C PRO A 51 3.71 6.64 -9.21
N VAL A 52 2.54 6.59 -9.84
CA VAL A 52 1.95 5.33 -10.28
C VAL A 52 2.68 4.76 -11.49
N THR A 53 2.97 3.47 -11.44
CA THR A 53 3.66 2.78 -12.52
C THR A 53 3.00 1.46 -12.87
N THR A 54 3.46 0.88 -13.98
CA THR A 54 2.97 -0.40 -14.43
C THR A 54 3.15 -1.42 -13.31
N GLU A 55 4.14 -1.17 -12.44
CA GLU A 55 4.42 -2.07 -11.33
C GLU A 55 3.20 -2.21 -10.43
N CYS A 56 2.60 -1.08 -10.11
CA CYS A 56 1.41 -1.05 -9.26
C CYS A 56 0.19 -1.62 -9.97
N LEU A 57 -0.01 -1.22 -11.23
CA LEU A 57 -1.15 -1.70 -11.99
C LEU A 57 -1.05 -3.20 -12.27
N SER A 58 0.13 -3.62 -12.71
CA SER A 58 0.38 -5.02 -13.00
C SER A 58 0.20 -5.88 -11.76
N TRP A 59 0.57 -5.33 -10.62
CA TRP A 59 0.45 -6.04 -9.35
C TRP A 59 -1.02 -6.27 -9.01
N ALA A 60 -1.83 -5.24 -9.21
CA ALA A 60 -3.26 -5.34 -8.94
C ALA A 60 -3.90 -6.41 -9.81
N LEU A 61 -3.44 -6.51 -11.06
CA LEU A 61 -3.97 -7.49 -11.99
C LEU A 61 -3.64 -8.90 -11.54
N ASN A 62 -2.44 -9.08 -11.02
CA ASN A 62 -1.99 -10.38 -10.54
C ASN A 62 -2.71 -10.76 -9.26
N THR A 63 -3.18 -9.77 -8.52
CA THR A 63 -3.89 -10.00 -7.27
C THR A 63 -5.39 -9.80 -7.44
N GLY A 64 -5.80 -9.39 -8.64
CA GLY A 64 -7.21 -9.18 -8.91
C GLY A 64 -7.78 -8.00 -8.13
N GLN A 65 -6.93 -7.00 -7.87
CA GLN A 65 -7.36 -5.81 -7.15
C GLN A 65 -7.65 -4.66 -8.10
N ASP A 66 -8.49 -3.72 -7.66
CA ASP A 66 -8.84 -2.57 -8.48
C ASP A 66 -7.73 -1.52 -8.44
N SER A 67 -7.35 -1.03 -9.62
CA SER A 67 -6.30 -0.01 -9.72
C SER A 67 -6.46 0.81 -10.99
N GLY A 68 -6.03 2.07 -10.93
CA GLY A 68 -6.14 2.94 -12.09
C GLY A 68 -5.31 4.21 -11.93
N VAL A 69 -5.82 5.15 -11.15
CA VAL A 69 -5.12 6.41 -10.92
C VAL A 69 -4.20 6.32 -9.70
N TRP A 70 -4.59 5.48 -8.74
CA TRP A 70 -3.79 5.30 -7.52
C TRP A 70 -2.66 4.31 -7.75
N GLY A 71 -1.68 4.34 -6.85
CA GLY A 71 -0.54 3.44 -6.95
C GLY A 71 -0.94 1.98 -6.86
N GLY A 72 -0.30 1.26 -5.95
CA GLY A 72 -0.60 -0.15 -5.77
C GLY A 72 -0.69 -0.55 -4.31
N MET A 73 -1.60 -1.46 -4.00
CA MET A 73 -1.78 -1.92 -2.63
C MET A 73 -2.07 -3.42 -2.59
N SER A 74 -1.46 -4.11 -1.64
CA SER A 74 -1.62 -5.54 -1.48
C SER A 74 -2.89 -5.86 -0.70
N GLU A 75 -3.30 -7.11 -0.75
CA GLU A 75 -4.49 -7.57 -0.04
C GLU A 75 -4.34 -7.35 1.45
N ASP A 76 -3.15 -7.67 1.98
CA ASP A 76 -2.87 -7.49 3.39
C ASP A 76 -2.88 -6.01 3.73
N GLU A 77 -2.35 -5.22 2.81
CA GLU A 77 -2.29 -3.78 2.97
C GLU A 77 -3.70 -3.20 3.02
N ARG A 78 -4.59 -3.76 2.20
CA ARG A 78 -5.97 -3.32 2.16
C ARG A 78 -6.67 -3.60 3.49
N ARG A 79 -6.36 -4.75 4.09
CA ARG A 79 -6.95 -5.13 5.36
C ARG A 79 -6.57 -4.12 6.43
N ALA A 80 -5.31 -3.74 6.46
CA ALA A 80 -4.81 -2.76 7.42
C ALA A 80 -5.54 -1.44 7.25
N LEU A 81 -5.76 -1.09 5.99
CA LEU A 81 -6.46 0.16 5.64
C LEU A 81 -7.92 0.09 6.06
N LYS A 82 -8.57 -1.02 5.73
CA LYS A 82 -9.98 -1.20 6.07
C LYS A 82 -10.17 -1.20 7.58
N ARG A 83 -9.16 -1.68 8.29
CA ARG A 83 -9.20 -1.74 9.75
C ARG A 83 -9.09 -0.34 10.35
N ARG A 84 -8.30 0.52 9.71
CA ARG A 84 -8.12 1.88 10.21
C ARG A 84 -9.39 2.71 10.02
N ASN A 85 -10.08 2.47 8.91
CA ASN A 85 -11.32 3.18 8.62
C ASN A 85 -12.45 2.71 9.53
N ALA A 86 -12.44 1.42 9.85
CA ALA A 86 -13.47 0.84 10.71
C ALA A 86 -14.85 0.99 10.10
FE1 SF4 B . 4.78 3.88 -5.31
FE2 SF4 B . 3.68 1.87 -6.77
FE3 SF4 B . 5.83 1.35 -5.20
FE4 SF4 B . 3.34 1.96 -4.01
S1 SF4 B . 3.88 0.17 -5.24
S2 SF4 B . 5.41 2.66 -3.43
S3 SF4 B . 2.57 3.39 -5.52
S4 SF4 B . 5.79 2.74 -6.98
#